data_8AM3
#
_entry.id   8AM3
#
_cell.length_a   90.699
_cell.length_b   90.699
_cell.length_c   278.239
_cell.angle_alpha   90.000
_cell.angle_beta   90.000
_cell.angle_gamma   90.000
#
_symmetry.space_group_name_H-M   'P 43 21 2'
#
loop_
_entity.id
_entity.type
_entity.pdbx_description
1 polymer 'Fumarate reductase/succinate dehydrogenase flavoprotein domain protein'
2 non-polymer 'FLAVIN-ADENINE DINUCLEOTIDE'
3 non-polymer GLYCEROL
4 non-polymer 'SULFATE ION'
5 water water
#
_entity_poly.entity_id   1
_entity_poly.type   'polypeptide(L)'
_entity_poly.pdbx_seq_one_letter_code
;MGSSHHHHHHSSGLVPRGSHMTTKPNAETVASRRGFLRATTVAAAASSSLGVLTMTDAQAASASFSAEYDIVVVGSGCAG
LTSALFSRWHGNSVVVLEKAAALGGTTFKSAFWYWVPNNVPMRAAGIADPKPDFLKYVARVTRPQFYDPEHPTLGLTQWE
YDMCEAIYDSASPAAELLAQKGALPYRHVPFATDYFSELPEDKAKSGRVLTPKDGSPSMANGGQVAIRTLSTAARRDGIA
FKTGHRVQRVILNSKGEAIGIEALKDDNSVVRIRARKAVIFGSGGFTHDPELRSNFLNVPVYGGCAAFTNEGDLVRITSS
LGVQLRNMNHAWLCPVTFEKAIGRDGSMSGMFSVAGDSMIFVDKRGKRVVNEKLNYNELCQKLFEWDGAKVEYPNLVLIS
IWDQRSQDHSASNDYGSAIVPPGADDRHVIKSDTLDGLSQQISLRLKKYAGQIGHMELSSDFNANLRESILRFNGFASTG
KDEDFHRGERASDVLFNGSTKKEPDQKNPTMWPISSVGPYYAALVGGGTLDTKGGPKTNTHGQILDIHDKPIRGLYGVGN
CVASASSGAYWAGGATLGPMIAFAYRAANAAHGEPKRT
;
_entity_poly.pdbx_strand_id   AAA,BBB
#
loop_
_chem_comp.id
_chem_comp.type
_chem_comp.name
_chem_comp.formula
FAD non-polymer 'FLAVIN-ADENINE DINUCLEOTIDE' 'C27 H33 N9 O15 P2'
GOL non-polymer GLYCEROL 'C3 H8 O3'
SO4 non-polymer 'SULFATE ION' 'O4 S -2'
#
# COMPACT_ATOMS: atom_id res chain seq x y z
N ALA A 63 -26.86 -27.23 -19.51
CA ALA A 63 -26.36 -26.01 -18.81
C ALA A 63 -27.21 -24.81 -19.24
N SER A 64 -28.32 -24.57 -18.52
CA SER A 64 -29.24 -23.50 -18.92
C SER A 64 -29.75 -22.67 -17.74
N PHE A 65 -30.57 -21.67 -18.10
CA PHE A 65 -30.73 -20.45 -17.34
C PHE A 65 -32.19 -20.30 -16.94
N SER A 66 -32.44 -19.76 -15.75
CA SER A 66 -33.82 -19.59 -15.30
C SER A 66 -34.35 -18.20 -15.63
N ALA A 67 -33.52 -17.33 -16.23
CA ALA A 67 -33.97 -16.03 -16.69
C ALA A 67 -32.95 -15.48 -17.69
N GLU A 68 -33.40 -14.58 -18.57
CA GLU A 68 -32.59 -14.04 -19.64
C GLU A 68 -32.93 -12.56 -19.80
N TYR A 69 -31.88 -11.72 -19.93
CA TYR A 69 -32.03 -10.29 -20.20
C TYR A 69 -30.95 -9.89 -21.20
N ASP A 70 -31.14 -8.74 -21.87
CA ASP A 70 -30.08 -8.21 -22.73
C ASP A 70 -28.85 -7.82 -21.91
N ILE A 71 -29.10 -7.11 -20.79
CA ILE A 71 -28.02 -6.58 -19.95
C ILE A 71 -28.30 -6.94 -18.50
N VAL A 72 -27.31 -7.57 -17.87
CA VAL A 72 -27.40 -7.90 -16.46
C VAL A 72 -26.48 -6.95 -15.68
N VAL A 73 -27.06 -6.21 -14.73
CA VAL A 73 -26.31 -5.29 -13.88
C VAL A 73 -26.17 -5.86 -12.47
N VAL A 74 -24.95 -5.78 -11.91
CA VAL A 74 -24.66 -6.29 -10.59
C VAL A 74 -24.43 -5.14 -9.62
N GLY A 75 -25.37 -4.96 -8.68
CA GLY A 75 -25.30 -3.95 -7.63
C GLY A 75 -26.29 -2.81 -7.89
N SER A 76 -26.80 -2.21 -6.82
CA SER A 76 -27.83 -1.20 -6.92
C SER A 76 -27.40 0.12 -6.26
N GLY A 77 -26.10 0.40 -6.17
CA GLY A 77 -25.74 1.77 -5.81
C GLY A 77 -25.75 2.67 -7.05
N CYS A 78 -24.99 3.78 -7.01
CA CYS A 78 -24.93 4.69 -8.13
C CYS A 78 -24.47 3.98 -9.43
N ALA A 79 -23.39 3.20 -9.37
CA ALA A 79 -22.82 2.63 -10.59
C ALA A 79 -23.83 1.70 -11.29
N GLY A 80 -24.47 0.84 -10.50
CA GLY A 80 -25.43 -0.13 -11.00
C GLY A 80 -26.70 0.54 -11.51
N LEU A 81 -27.33 1.40 -10.69
CA LEU A 81 -28.58 2.01 -11.09
C LEU A 81 -28.39 2.83 -12.37
N THR A 82 -27.35 3.68 -12.42
CA THR A 82 -27.19 4.52 -13.59
C THR A 82 -26.84 3.67 -14.82
N SER A 83 -25.96 2.68 -14.66
CA SER A 83 -25.65 1.80 -15.79
C SER A 83 -26.93 1.14 -16.31
N ALA A 84 -27.80 0.69 -15.40
CA ALA A 84 -29.02 0.01 -15.76
C ALA A 84 -29.97 0.95 -16.50
N LEU A 85 -30.12 2.20 -16.01
CA LEU A 85 -31.03 3.16 -16.62
C LEU A 85 -30.56 3.54 -18.02
N PHE A 86 -29.28 3.89 -18.16
CA PHE A 86 -28.75 4.19 -19.48
C PHE A 86 -28.95 3.02 -20.45
N SER A 87 -28.77 1.79 -19.95
CA SER A 87 -28.91 0.58 -20.77
C SER A 87 -30.36 0.42 -21.23
N ARG A 88 -31.28 0.67 -20.29
CA ARG A 88 -32.69 0.47 -20.52
C ARG A 88 -33.17 1.50 -21.54
N TRP A 89 -32.67 2.73 -21.44
CA TRP A 89 -33.16 3.80 -22.29
C TRP A 89 -32.73 3.59 -23.74
N HIS A 90 -31.71 2.77 -23.97
CA HIS A 90 -31.34 2.39 -25.32
C HIS A 90 -32.26 1.31 -25.89
N GLY A 91 -33.17 0.75 -25.07
CA GLY A 91 -34.13 -0.26 -25.53
C GLY A 91 -33.78 -1.70 -25.13
N ASN A 92 -32.78 -1.90 -24.28
CA ASN A 92 -32.46 -3.26 -23.84
C ASN A 92 -33.36 -3.67 -22.69
N SER A 93 -33.61 -4.98 -22.54
CA SER A 93 -34.14 -5.50 -21.27
C SER A 93 -33.01 -5.56 -20.26
N VAL A 94 -33.32 -5.21 -19.00
CA VAL A 94 -32.28 -5.06 -17.99
C VAL A 94 -32.76 -5.66 -16.68
N VAL A 95 -31.87 -6.36 -15.97
CA VAL A 95 -32.10 -6.73 -14.58
C VAL A 95 -30.98 -6.14 -13.71
N VAL A 96 -31.33 -5.74 -12.48
CA VAL A 96 -30.39 -5.33 -11.44
C VAL A 96 -30.40 -6.39 -10.34
N LEU A 97 -29.23 -7.00 -10.08
CA LEU A 97 -29.06 -8.01 -9.05
C LEU A 97 -28.36 -7.38 -7.85
N GLU A 98 -29.03 -7.39 -6.68
CA GLU A 98 -28.49 -6.76 -5.48
C GLU A 98 -28.27 -7.86 -4.43
N LYS A 99 -27.05 -7.93 -3.91
CA LYS A 99 -26.66 -8.84 -2.85
C LYS A 99 -27.45 -8.62 -1.56
N ALA A 100 -27.68 -7.37 -1.17
CA ALA A 100 -28.32 -7.08 0.12
C ALA A 100 -29.84 -7.21 0.00
N ALA A 101 -30.56 -7.08 1.13
CA ALA A 101 -32.02 -7.04 1.14
C ALA A 101 -32.53 -5.73 0.55
N ALA A 102 -31.81 -4.62 0.75
CA ALA A 102 -32.28 -3.30 0.31
C ALA A 102 -31.37 -2.78 -0.82
N LEU A 103 -31.90 -1.85 -1.62
CA LEU A 103 -31.13 -1.23 -2.68
C LEU A 103 -30.28 -0.10 -2.11
N GLY A 104 -29.15 0.19 -2.79
CA GLY A 104 -28.56 1.49 -2.60
C GLY A 104 -27.11 1.50 -2.16
N GLY A 105 -26.65 0.44 -1.51
CA GLY A 105 -25.26 0.29 -1.08
C GLY A 105 -24.72 1.50 -0.33
N THR A 106 -23.45 1.83 -0.59
CA THR A 106 -22.81 2.95 0.08
C THR A 106 -23.45 4.25 -0.40
N THR A 107 -23.85 4.27 -1.68
CA THR A 107 -24.42 5.45 -2.30
C THR A 107 -25.57 5.99 -1.45
N PHE A 108 -26.37 5.05 -0.91
CA PHE A 108 -27.52 5.40 -0.07
C PHE A 108 -27.09 6.24 1.14
N LYS A 109 -25.90 5.99 1.69
CA LYS A 109 -25.45 6.67 2.91
C LYS A 109 -24.81 8.02 2.58
N SER A 110 -24.54 8.29 1.30
CA SER A 110 -23.72 9.45 0.92
C SER A 110 -24.56 10.72 0.96
N ALA A 111 -23.89 11.86 0.81
CA ALA A 111 -24.56 13.14 0.56
C ALA A 111 -24.90 13.32 -0.92
N PHE A 112 -24.39 12.42 -1.76
CA PHE A 112 -24.54 12.48 -3.21
C PHE A 112 -24.15 13.86 -3.73
N TRP A 113 -23.00 14.39 -3.30
CA TRP A 113 -22.34 15.41 -4.10
C TRP A 113 -21.78 14.69 -5.31
N TYR A 114 -21.91 15.30 -6.49
CA TYR A 114 -21.26 14.72 -7.65
C TYR A 114 -20.60 15.82 -8.45
N TRP A 115 -19.30 15.62 -8.68
CA TRP A 115 -18.40 16.61 -9.24
C TRP A 115 -18.36 16.41 -10.75
N VAL A 116 -18.95 17.36 -11.48
CA VAL A 116 -19.22 17.24 -12.91
C VAL A 116 -18.53 18.40 -13.62
N PRO A 117 -17.33 18.17 -14.20
CA PRO A 117 -16.60 19.24 -14.91
C PRO A 117 -17.45 19.77 -16.05
N ASN A 118 -17.37 21.10 -16.27
CA ASN A 118 -17.99 21.75 -17.40
C ASN A 118 -19.50 21.45 -17.44
N ASN A 119 -20.15 21.42 -16.27
CA ASN A 119 -21.56 21.08 -16.18
C ASN A 119 -22.43 22.21 -16.74
N VAL A 120 -23.69 21.89 -16.99
CA VAL A 120 -24.61 22.83 -17.62
C VAL A 120 -24.86 24.06 -16.73
N PRO A 121 -25.18 23.90 -15.42
CA PRO A 121 -25.33 25.06 -14.54
C PRO A 121 -24.14 26.01 -14.51
N MET A 122 -22.89 25.47 -14.54
CA MET A 122 -21.68 26.30 -14.55
C MET A 122 -21.68 27.17 -15.79
N ARG A 123 -21.91 26.54 -16.95
N ARG A 123 -21.92 26.55 -16.96
CA ARG A 123 -21.90 27.25 -18.21
CA ARG A 123 -21.91 27.26 -18.21
C ARG A 123 -22.99 28.34 -18.22
C ARG A 123 -22.99 28.35 -18.23
N ALA A 124 -24.18 28.02 -17.70
CA ALA A 124 -25.27 28.98 -17.64
C ALA A 124 -24.91 30.16 -16.73
N ALA A 125 -24.15 29.88 -15.66
CA ALA A 125 -23.76 30.91 -14.71
C ALA A 125 -22.58 31.71 -15.24
N GLY A 126 -22.01 31.32 -16.38
CA GLY A 126 -20.84 32.00 -16.92
C GLY A 126 -19.53 31.59 -16.22
N ILE A 127 -19.47 30.42 -15.59
CA ILE A 127 -18.21 29.94 -15.02
C ILE A 127 -17.56 28.99 -16.03
N ALA A 128 -16.36 29.35 -16.54
CA ALA A 128 -15.63 28.58 -17.53
C ALA A 128 -14.94 27.38 -16.87
N ASP A 129 -14.84 26.27 -17.63
CA ASP A 129 -14.10 25.07 -17.21
C ASP A 129 -13.29 24.52 -18.37
N PRO A 130 -12.19 25.18 -18.77
CA PRO A 130 -11.42 24.75 -19.94
C PRO A 130 -10.75 23.40 -19.72
N LYS A 131 -10.84 22.56 -20.75
CA LYS A 131 -10.38 21.18 -20.65
C LYS A 131 -8.88 21.10 -20.35
N PRO A 132 -7.98 21.85 -21.00
CA PRO A 132 -6.55 21.67 -20.74
C PRO A 132 -6.22 21.93 -19.27
N ASP A 133 -6.95 22.88 -18.66
CA ASP A 133 -6.70 23.25 -17.27
C ASP A 133 -7.32 22.24 -16.31
N PHE A 134 -8.47 21.66 -16.72
CA PHE A 134 -9.06 20.58 -15.94
C PHE A 134 -8.02 19.46 -15.81
N LEU A 135 -7.39 19.11 -16.94
CA LEU A 135 -6.47 17.99 -16.96
C LEU A 135 -5.24 18.29 -16.11
N LYS A 136 -4.75 19.55 -16.17
CA LYS A 136 -3.60 19.90 -15.35
C LYS A 136 -3.91 19.81 -13.85
N TYR A 137 -5.10 20.25 -13.43
CA TYR A 137 -5.47 20.14 -12.03
C TYR A 137 -5.45 18.68 -11.59
N VAL A 138 -6.14 17.80 -12.36
CA VAL A 138 -6.24 16.42 -11.89
C VAL A 138 -4.87 15.73 -12.00
N ALA A 139 -4.08 16.06 -13.03
CA ALA A 139 -2.78 15.44 -13.14
C ALA A 139 -1.88 15.83 -11.95
N ARG A 140 -1.89 17.12 -11.59
CA ARG A 140 -1.04 17.64 -10.52
C ARG A 140 -1.40 16.97 -9.17
N VAL A 141 -2.69 16.73 -8.93
CA VAL A 141 -3.11 16.15 -7.66
C VAL A 141 -2.87 14.63 -7.63
N THR A 142 -3.02 13.96 -8.79
CA THR A 142 -3.06 12.52 -8.86
C THR A 142 -1.67 11.89 -8.86
N ARG A 143 -0.74 12.47 -9.65
CA ARG A 143 0.60 11.92 -9.77
CA ARG A 143 0.60 11.92 -9.76
C ARG A 143 1.62 13.02 -9.52
N PRO A 144 1.71 13.55 -8.29
CA PRO A 144 2.58 14.68 -7.99
C PRO A 144 4.05 14.49 -8.38
N GLN A 145 4.59 13.28 -8.22
CA GLN A 145 6.02 13.06 -8.50
C GLN A 145 6.29 13.24 -10.00
N PHE A 146 5.30 12.92 -10.84
CA PHE A 146 5.54 12.81 -12.26
C PHE A 146 4.88 13.97 -13.03
N TYR A 147 4.05 14.78 -12.35
CA TYR A 147 3.31 15.83 -13.02
C TYR A 147 4.28 16.77 -13.72
N ASP A 148 4.01 17.03 -15.00
CA ASP A 148 4.87 17.90 -15.78
C ASP A 148 4.03 18.60 -16.84
N PRO A 149 3.82 19.93 -16.75
CA PRO A 149 2.91 20.62 -17.67
C PRO A 149 3.40 20.57 -19.13
N GLU A 150 4.66 20.16 -19.37
CA GLU A 150 5.18 20.15 -20.73
C GLU A 150 5.13 18.74 -21.33
N HIS A 151 4.80 17.73 -20.52
CA HIS A 151 4.80 16.36 -20.99
C HIS A 151 3.51 16.13 -21.78
N PRO A 152 3.51 15.34 -22.88
CA PRO A 152 2.28 15.16 -23.69
C PRO A 152 1.07 14.58 -22.95
N THR A 153 1.30 13.82 -21.87
CA THR A 153 0.16 13.43 -21.04
C THR A 153 0.32 13.94 -19.62
N LEU A 154 1.00 15.08 -19.46
CA LEU A 154 1.16 15.79 -18.19
C LEU A 154 1.87 14.92 -17.15
N GLY A 155 2.50 13.84 -17.61
CA GLY A 155 3.25 12.94 -16.75
C GLY A 155 2.39 11.75 -16.31
N LEU A 156 1.11 11.74 -16.67
CA LEU A 156 0.23 10.61 -16.40
C LEU A 156 0.55 9.50 -17.41
N THR A 157 0.18 8.25 -17.12
CA THR A 157 0.27 7.22 -18.15
C THR A 157 -0.80 7.54 -19.19
N GLN A 158 -0.72 6.92 -20.37
CA GLN A 158 -1.72 7.17 -21.40
C GLN A 158 -3.11 6.82 -20.85
N TRP A 159 -3.16 5.70 -20.12
CA TRP A 159 -4.42 5.21 -19.55
C TRP A 159 -5.02 6.24 -18.58
N GLU A 160 -4.21 6.71 -17.62
CA GLU A 160 -4.73 7.67 -16.65
C GLU A 160 -5.25 8.91 -17.36
N TYR A 161 -4.46 9.44 -18.30
CA TYR A 161 -4.82 10.63 -19.07
C TYR A 161 -6.14 10.40 -19.82
N ASP A 162 -6.26 9.27 -20.53
CA ASP A 162 -7.48 8.96 -21.30
C ASP A 162 -8.70 8.85 -20.38
N MET A 163 -8.53 8.27 -19.17
CA MET A 163 -9.66 8.15 -18.25
C MET A 163 -10.08 9.53 -17.76
N CYS A 164 -9.11 10.42 -17.43
CA CYS A 164 -9.46 11.75 -16.94
C CYS A 164 -10.14 12.56 -18.05
N GLU A 165 -9.67 12.40 -19.28
CA GLU A 165 -10.32 13.05 -20.40
C GLU A 165 -11.78 12.59 -20.58
N ALA A 166 -12.03 11.28 -20.42
CA ALA A 166 -13.35 10.70 -20.54
C ALA A 166 -14.29 11.29 -19.48
N ILE A 167 -13.76 11.48 -18.27
CA ILE A 167 -14.54 12.10 -17.19
C ILE A 167 -15.00 13.48 -17.64
N TYR A 168 -14.07 14.28 -18.16
CA TYR A 168 -14.43 15.62 -18.59
C TYR A 168 -15.47 15.54 -19.71
N ASP A 169 -15.25 14.65 -20.67
CA ASP A 169 -16.11 14.58 -21.84
C ASP A 169 -17.51 14.08 -21.51
N SER A 170 -17.65 13.17 -20.53
CA SER A 170 -18.88 12.39 -20.41
C SER A 170 -19.69 12.69 -19.15
N ALA A 171 -19.10 13.31 -18.12
CA ALA A 171 -19.87 13.47 -16.89
C ALA A 171 -21.11 14.35 -17.12
N SER A 172 -20.93 15.47 -17.82
CA SER A 172 -22.04 16.41 -18.00
C SER A 172 -23.17 15.79 -18.83
N PRO A 173 -22.93 15.23 -20.04
CA PRO A 173 -24.04 14.58 -20.78
C PRO A 173 -24.72 13.50 -19.94
N ALA A 174 -23.96 12.73 -19.15
CA ALA A 174 -24.56 11.71 -18.30
C ALA A 174 -25.50 12.37 -17.28
N ALA A 175 -25.03 13.45 -16.62
CA ALA A 175 -25.84 14.15 -15.64
C ALA A 175 -27.11 14.70 -16.28
N GLU A 176 -26.97 15.25 -17.49
CA GLU A 176 -28.07 15.90 -18.19
C GLU A 176 -29.16 14.88 -18.55
N LEU A 177 -28.74 13.72 -19.08
CA LEU A 177 -29.71 12.70 -19.49
C LEU A 177 -30.46 12.16 -18.26
N LEU A 178 -29.73 11.87 -17.17
CA LEU A 178 -30.39 11.37 -15.97
C LEU A 178 -31.43 12.36 -15.46
N ALA A 179 -31.13 13.66 -15.56
CA ALA A 179 -32.05 14.68 -15.08
C ALA A 179 -33.23 14.83 -16.04
N GLN A 180 -32.95 14.81 -17.36
N GLN A 180 -32.94 14.81 -17.35
CA GLN A 180 -33.97 14.98 -18.38
CA GLN A 180 -33.98 14.98 -18.35
C GLN A 180 -35.02 13.89 -18.24
C GLN A 180 -35.04 13.89 -18.22
N LYS A 181 -34.61 12.66 -17.94
CA LYS A 181 -35.51 11.51 -17.82
C LYS A 181 -36.20 11.48 -16.45
N GLY A 182 -35.84 12.40 -15.55
CA GLY A 182 -36.46 12.44 -14.24
C GLY A 182 -35.87 11.42 -13.26
N ALA A 183 -34.76 10.78 -13.62
CA ALA A 183 -34.14 9.76 -12.77
C ALA A 183 -33.25 10.39 -11.68
N LEU A 184 -32.55 11.48 -12.02
CA LEU A 184 -31.68 12.15 -11.06
C LEU A 184 -31.77 13.66 -11.28
N PRO A 185 -32.90 14.31 -10.93
CA PRO A 185 -32.98 15.76 -10.99
C PRO A 185 -31.99 16.31 -9.96
N TYR A 186 -31.36 17.44 -10.31
CA TYR A 186 -30.31 17.97 -9.46
C TYR A 186 -30.55 19.46 -9.18
N ARG A 187 -29.79 20.00 -8.22
CA ARG A 187 -29.58 21.44 -8.14
C ARG A 187 -28.08 21.65 -8.13
N HIS A 188 -27.65 22.84 -8.58
CA HIS A 188 -26.26 23.24 -8.55
C HIS A 188 -25.82 23.51 -7.12
N VAL A 189 -24.57 23.19 -6.77
CA VAL A 189 -24.02 23.55 -5.46
C VAL A 189 -22.84 24.50 -5.72
N PRO A 190 -23.10 25.75 -6.13
CA PRO A 190 -22.04 26.61 -6.64
C PRO A 190 -20.94 26.92 -5.62
N PHE A 191 -21.23 26.81 -4.32
CA PHE A 191 -20.22 27.21 -3.34
C PHE A 191 -19.22 26.09 -3.04
N ALA A 192 -19.57 24.84 -3.40
CA ALA A 192 -18.70 23.68 -3.12
C ALA A 192 -17.38 23.80 -3.90
N THR A 193 -16.30 23.88 -3.13
CA THR A 193 -14.99 24.25 -3.66
C THR A 193 -14.06 23.03 -3.69
N ASP A 194 -13.19 22.98 -4.71
CA ASP A 194 -12.27 21.86 -4.88
C ASP A 194 -11.30 21.79 -3.70
N TYR A 195 -10.82 20.58 -3.41
CA TYR A 195 -10.09 20.36 -2.16
C TYR A 195 -8.69 20.99 -2.21
N PHE A 196 -8.15 21.16 -3.43
CA PHE A 196 -6.84 21.80 -3.59
C PHE A 196 -6.97 23.05 -4.44
N SER A 197 -8.02 23.86 -4.13
CA SER A 197 -8.36 25.02 -4.95
C SER A 197 -7.18 26.00 -5.08
N GLU A 198 -6.29 26.05 -4.08
CA GLU A 198 -5.18 27.00 -4.11
C GLU A 198 -4.19 26.71 -5.24
N LEU A 199 -4.13 25.48 -5.77
CA LEU A 199 -3.22 25.21 -6.86
C LEU A 199 -3.53 26.10 -8.05
N PRO A 200 -2.53 26.77 -8.66
CA PRO A 200 -2.77 27.63 -9.83
C PRO A 200 -3.34 26.87 -11.04
N GLU A 201 -3.08 25.55 -11.11
CA GLU A 201 -3.62 24.73 -12.18
C GLU A 201 -5.15 24.70 -12.15
N ASP A 202 -5.78 24.90 -10.98
CA ASP A 202 -7.23 24.81 -10.88
C ASP A 202 -7.85 26.10 -11.40
N LYS A 203 -8.51 26.04 -12.56
CA LYS A 203 -9.11 27.22 -13.17
C LYS A 203 -10.63 27.28 -12.98
N ALA A 204 -11.20 26.29 -12.30
CA ALA A 204 -12.61 26.38 -11.94
C ALA A 204 -12.75 25.86 -10.51
N LYS A 205 -12.32 26.70 -9.57
CA LYS A 205 -12.13 26.30 -8.18
C LYS A 205 -13.43 25.93 -7.49
N SER A 206 -14.55 26.57 -7.90
CA SER A 206 -15.87 26.21 -7.42
C SER A 206 -16.83 26.14 -8.61
N GLY A 207 -17.94 25.43 -8.47
CA GLY A 207 -18.87 25.38 -9.60
C GLY A 207 -19.15 23.97 -10.12
N ARG A 208 -18.23 23.04 -9.94
CA ARG A 208 -18.38 21.73 -10.57
C ARG A 208 -19.39 20.81 -9.88
N VAL A 209 -19.81 21.11 -8.64
CA VAL A 209 -20.65 20.16 -7.89
C VAL A 209 -22.15 20.30 -8.15
N LEU A 210 -22.82 19.17 -8.41
CA LEU A 210 -24.26 19.01 -8.40
C LEU A 210 -24.68 18.12 -7.23
N THR A 211 -25.97 18.16 -6.88
CA THR A 211 -26.51 17.29 -5.85
C THR A 211 -28.00 17.08 -6.13
N PRO A 212 -28.64 15.99 -5.64
CA PRO A 212 -30.07 15.77 -5.89
C PRO A 212 -30.91 16.98 -5.52
N LYS A 213 -31.84 17.30 -6.41
CA LYS A 213 -32.65 18.49 -6.27
C LYS A 213 -33.34 18.56 -4.91
N ASP A 214 -33.86 17.42 -4.43
CA ASP A 214 -34.65 17.47 -3.22
C ASP A 214 -33.82 17.06 -2.01
N GLY A 215 -32.48 17.11 -2.11
CA GLY A 215 -31.68 16.86 -0.92
C GLY A 215 -31.96 17.93 0.14
N SER A 216 -31.79 17.60 1.43
CA SER A 216 -32.02 18.55 2.51
C SER A 216 -31.06 19.74 2.38
N PRO A 217 -31.25 20.86 3.11
CA PRO A 217 -30.28 21.97 3.07
C PRO A 217 -28.83 21.61 3.43
N SER A 218 -28.63 20.71 4.42
CA SER A 218 -27.29 20.23 4.76
C SER A 218 -26.73 19.31 3.67
N MET A 219 -27.63 18.71 2.88
CA MET A 219 -27.33 17.79 1.79
C MET A 219 -27.01 16.38 2.31
N ALA A 220 -27.07 16.18 3.65
CA ALA A 220 -26.65 14.92 4.24
C ALA A 220 -27.47 13.71 3.77
N ASN A 221 -28.72 13.92 3.33
CA ASN A 221 -29.55 12.80 2.88
C ASN A 221 -29.56 12.67 1.36
N GLY A 222 -28.62 13.31 0.66
CA GLY A 222 -28.60 13.30 -0.79
C GLY A 222 -28.64 11.89 -1.38
N GLY A 223 -27.87 10.97 -0.79
CA GLY A 223 -27.79 9.61 -1.29
C GLY A 223 -29.12 8.88 -1.22
N GLN A 224 -29.87 9.11 -0.13
CA GLN A 224 -31.19 8.50 -0.01
C GLN A 224 -32.12 9.02 -1.08
N VAL A 225 -32.09 10.34 -1.30
CA VAL A 225 -32.89 10.95 -2.32
C VAL A 225 -32.51 10.39 -3.71
N ALA A 226 -31.20 10.35 -4.02
CA ALA A 226 -30.76 9.83 -5.32
C ALA A 226 -31.23 8.38 -5.52
N ILE A 227 -31.04 7.52 -4.52
CA ILE A 227 -31.45 6.12 -4.68
C ILE A 227 -32.97 6.05 -4.92
N ARG A 228 -33.72 6.90 -4.20
N ARG A 228 -33.72 6.91 -4.20
CA ARG A 228 -35.16 6.94 -4.44
CA ARG A 228 -35.15 6.95 -4.43
C ARG A 228 -35.47 7.38 -5.87
C ARG A 228 -35.47 7.37 -5.87
N THR A 229 -34.93 8.52 -6.33
CA THR A 229 -35.29 8.98 -7.66
C THR A 229 -34.82 7.99 -8.73
N LEU A 230 -33.62 7.41 -8.56
CA LEU A 230 -33.04 6.52 -9.57
C LEU A 230 -33.85 5.23 -9.64
N SER A 231 -34.14 4.66 -8.47
CA SER A 231 -34.85 3.38 -8.45
C SER A 231 -36.34 3.55 -8.83
N THR A 232 -36.95 4.69 -8.51
CA THR A 232 -38.31 4.98 -8.95
C THR A 232 -38.37 5.04 -10.48
N ALA A 233 -37.41 5.73 -11.09
CA ALA A 233 -37.39 5.83 -12.55
C ALA A 233 -37.10 4.47 -13.16
N ALA A 234 -36.27 3.64 -12.52
CA ALA A 234 -35.94 2.33 -13.05
C ALA A 234 -37.18 1.43 -13.10
N ARG A 235 -37.96 1.39 -12.03
CA ARG A 235 -39.20 0.61 -12.01
C ARG A 235 -40.19 1.18 -13.01
N ARG A 236 -40.34 2.51 -13.05
CA ARG A 236 -41.20 3.16 -14.03
C ARG A 236 -40.86 2.69 -15.45
N ASP A 237 -39.56 2.57 -15.77
CA ASP A 237 -39.13 2.29 -17.14
C ASP A 237 -38.94 0.79 -17.37
N GLY A 238 -39.33 -0.05 -16.41
CA GLY A 238 -39.45 -1.50 -16.65
C GLY A 238 -38.15 -2.27 -16.40
N ILE A 239 -37.20 -1.71 -15.62
CA ILE A 239 -36.04 -2.49 -15.22
C ILE A 239 -36.48 -3.46 -14.12
N ALA A 240 -36.03 -4.73 -14.19
CA ALA A 240 -36.32 -5.72 -13.16
C ALA A 240 -35.27 -5.67 -12.04
N PHE A 241 -35.72 -6.00 -10.82
CA PHE A 241 -34.88 -5.98 -9.63
C PHE A 241 -34.98 -7.31 -8.91
N LYS A 242 -33.81 -7.84 -8.50
CA LYS A 242 -33.76 -9.02 -7.65
C LYS A 242 -32.82 -8.72 -6.48
N THR A 243 -33.38 -8.66 -5.26
CA THR A 243 -32.59 -8.50 -4.05
C THR A 243 -32.23 -9.88 -3.52
N GLY A 244 -31.29 -9.93 -2.55
CA GLY A 244 -30.81 -11.20 -2.02
C GLY A 244 -30.22 -12.12 -3.09
N HIS A 245 -29.59 -11.52 -4.10
CA HIS A 245 -28.90 -12.26 -5.16
C HIS A 245 -27.41 -11.89 -5.13
N ARG A 246 -26.58 -12.77 -4.56
CA ARG A 246 -25.16 -12.50 -4.51
C ARG A 246 -24.49 -13.12 -5.73
N VAL A 247 -24.11 -12.27 -6.70
CA VAL A 247 -23.43 -12.80 -7.89
C VAL A 247 -22.11 -13.43 -7.45
N GLN A 248 -21.80 -14.64 -7.95
CA GLN A 248 -20.57 -15.29 -7.53
C GLN A 248 -19.78 -15.87 -8.70
N ARG A 249 -20.32 -15.81 -9.93
CA ARG A 249 -19.57 -16.33 -11.06
C ARG A 249 -20.03 -15.65 -12.34
N VAL A 250 -19.10 -15.48 -13.29
CA VAL A 250 -19.45 -15.06 -14.63
C VAL A 250 -19.45 -16.31 -15.53
N ILE A 251 -20.52 -16.54 -16.29
CA ILE A 251 -20.53 -17.70 -17.17
C ILE A 251 -20.00 -17.27 -18.54
N LEU A 252 -19.07 -18.05 -19.09
CA LEU A 252 -18.45 -17.81 -20.39
C LEU A 252 -18.97 -18.83 -21.42
N ASN A 253 -19.02 -18.40 -22.70
CA ASN A 253 -19.18 -19.34 -23.81
C ASN A 253 -17.80 -19.91 -24.18
N SER A 254 -17.77 -20.80 -25.19
N SER A 254 -17.77 -20.80 -25.19
CA SER A 254 -16.55 -21.47 -25.60
CA SER A 254 -16.55 -21.47 -25.60
C SER A 254 -15.56 -20.50 -26.25
C SER A 254 -15.57 -20.50 -26.25
N LYS A 255 -16.05 -19.31 -26.63
CA LYS A 255 -15.16 -18.28 -27.17
C LYS A 255 -14.60 -17.40 -26.05
N GLY A 256 -14.95 -17.68 -24.79
CA GLY A 256 -14.47 -16.89 -23.67
C GLY A 256 -15.20 -15.55 -23.48
N GLU A 257 -16.44 -15.44 -23.96
CA GLU A 257 -17.23 -14.23 -23.81
C GLU A 257 -18.21 -14.41 -22.66
N ALA A 258 -18.49 -13.34 -21.92
CA ALA A 258 -19.43 -13.41 -20.80
C ALA A 258 -20.85 -13.53 -21.35
N ILE A 259 -21.59 -14.57 -20.94
CA ILE A 259 -22.96 -14.79 -21.43
C ILE A 259 -23.95 -14.81 -20.28
N GLY A 260 -23.47 -14.62 -19.05
CA GLY A 260 -24.38 -14.55 -17.90
C GLY A 260 -23.66 -14.69 -16.58
N ILE A 261 -24.43 -14.89 -15.52
CA ILE A 261 -23.88 -14.98 -14.18
C ILE A 261 -24.55 -16.15 -13.46
N GLU A 262 -23.91 -16.55 -12.36
CA GLU A 262 -24.54 -17.38 -11.34
C GLU A 262 -24.62 -16.55 -10.06
N ALA A 263 -25.79 -16.54 -9.40
CA ALA A 263 -25.98 -15.86 -8.12
C ALA A 263 -26.43 -16.84 -7.03
N LEU A 264 -25.93 -16.63 -5.81
CA LEU A 264 -26.39 -17.33 -4.61
C LEU A 264 -27.55 -16.54 -4.00
N LYS A 265 -28.70 -17.23 -3.80
CA LYS A 265 -29.83 -16.65 -3.09
C LYS A 265 -29.69 -16.87 -1.59
N ASP A 266 -30.52 -16.15 -0.80
CA ASP A 266 -30.46 -16.22 0.65
C ASP A 266 -30.72 -17.64 1.15
N ASP A 267 -31.66 -18.34 0.49
CA ASP A 267 -32.07 -19.69 0.84
C ASP A 267 -31.03 -20.71 0.37
N ASN A 268 -29.93 -20.23 -0.22
CA ASN A 268 -28.79 -21.05 -0.59
C ASN A 268 -28.96 -21.75 -1.94
N SER A 269 -30.12 -21.56 -2.59
CA SER A 269 -30.23 -21.96 -3.98
C SER A 269 -29.36 -21.08 -4.88
N VAL A 270 -28.93 -21.66 -6.00
CA VAL A 270 -28.15 -20.97 -7.01
C VAL A 270 -29.02 -20.76 -8.24
N VAL A 271 -28.93 -19.57 -8.85
CA VAL A 271 -29.70 -19.24 -10.04
C VAL A 271 -28.69 -18.80 -11.12
N ARG A 272 -28.96 -19.24 -12.35
CA ARG A 272 -28.19 -18.83 -13.52
C ARG A 272 -29.08 -17.89 -14.33
N ILE A 273 -28.51 -16.75 -14.73
CA ILE A 273 -29.21 -15.71 -15.46
C ILE A 273 -28.38 -15.32 -16.68
N ARG A 274 -29.02 -15.33 -17.85
CA ARG A 274 -28.31 -15.11 -19.09
C ARG A 274 -28.30 -13.62 -19.41
N ALA A 275 -27.17 -13.16 -19.97
CA ALA A 275 -27.04 -11.81 -20.49
C ALA A 275 -26.79 -11.90 -21.98
N ARG A 276 -27.68 -11.36 -22.81
CA ARG A 276 -27.51 -11.50 -24.25
C ARG A 276 -26.36 -10.63 -24.76
N LYS A 277 -26.19 -9.44 -24.15
CA LYS A 277 -25.24 -8.46 -24.69
C LYS A 277 -24.11 -8.17 -23.69
N ALA A 278 -24.40 -8.07 -22.38
CA ALA A 278 -23.37 -7.66 -21.43
C ALA A 278 -23.78 -7.89 -19.97
N VAL A 279 -22.75 -8.14 -19.16
CA VAL A 279 -22.81 -8.10 -17.72
C VAL A 279 -22.04 -6.86 -17.27
N ILE A 280 -22.71 -5.98 -16.52
CA ILE A 280 -22.05 -4.77 -16.06
C ILE A 280 -21.95 -4.83 -14.52
N PHE A 281 -20.74 -4.93 -13.99
CA PHE A 281 -20.56 -4.91 -12.55
C PHE A 281 -20.54 -3.50 -11.99
N GLY A 282 -21.34 -3.29 -10.95
CA GLY A 282 -21.31 -2.08 -10.13
C GLY A 282 -21.36 -2.47 -8.66
N SER A 283 -20.48 -3.40 -8.27
CA SER A 283 -20.61 -4.17 -7.04
C SER A 283 -19.86 -3.52 -5.86
N GLY A 284 -19.30 -2.31 -6.04
CA GLY A 284 -18.65 -1.60 -4.93
C GLY A 284 -17.28 -2.19 -4.60
N GLY A 285 -16.68 -1.76 -3.48
CA GLY A 285 -15.29 -2.07 -3.20
C GLY A 285 -15.14 -3.25 -2.23
N PHE A 286 -13.99 -3.34 -1.54
CA PHE A 286 -13.73 -4.47 -0.66
C PHE A 286 -13.40 -4.05 0.78
N THR A 287 -13.87 -2.87 1.21
CA THR A 287 -13.55 -2.41 2.56
C THR A 287 -13.90 -3.48 3.62
N HIS A 288 -15.01 -4.20 3.43
CA HIS A 288 -15.48 -5.08 4.50
C HIS A 288 -15.14 -6.54 4.25
N ASP A 289 -14.14 -6.80 3.39
CA ASP A 289 -13.42 -8.07 3.47
C ASP A 289 -12.08 -7.82 4.14
N PRO A 290 -11.92 -8.14 5.44
CA PRO A 290 -10.73 -7.72 6.17
C PRO A 290 -9.45 -8.29 5.58
N GLU A 291 -9.51 -9.52 5.04
CA GLU A 291 -8.34 -10.12 4.44
C GLU A 291 -7.90 -9.36 3.18
N LEU A 292 -8.83 -9.06 2.28
CA LEU A 292 -8.48 -8.30 1.07
C LEU A 292 -8.00 -6.91 1.49
N ARG A 293 -8.74 -6.25 2.37
CA ARG A 293 -8.37 -4.90 2.82
C ARG A 293 -6.93 -4.85 3.33
N SER A 294 -6.58 -5.76 4.24
N SER A 294 -6.58 -5.78 4.23
CA SER A 294 -5.29 -5.80 4.89
CA SER A 294 -5.27 -5.78 4.88
C SER A 294 -4.18 -6.18 3.90
C SER A 294 -4.16 -6.17 3.89
N ASN A 295 -4.50 -7.01 2.91
CA ASN A 295 -3.50 -7.54 1.97
C ASN A 295 -3.23 -6.60 0.79
N PHE A 296 -4.12 -5.64 0.54
CA PHE A 296 -3.96 -4.80 -0.65
C PHE A 296 -3.70 -3.30 -0.35
N LEU A 297 -4.39 -2.72 0.63
CA LEU A 297 -4.38 -1.26 0.78
C LEU A 297 -3.02 -0.78 1.31
N ASN A 298 -2.66 0.47 0.95
CA ASN A 298 -1.39 1.06 1.36
C ASN A 298 -1.38 1.38 2.86
N VAL A 299 -2.52 1.39 3.55
CA VAL A 299 -2.55 1.65 4.99
C VAL A 299 -3.44 0.65 5.72
N PRO A 300 -3.14 0.27 6.99
CA PRO A 300 -3.96 -0.71 7.72
C PRO A 300 -5.22 -0.17 8.40
N VAL A 301 -6.18 0.32 7.61
CA VAL A 301 -7.42 0.90 8.09
C VAL A 301 -8.26 -0.08 8.91
N TYR A 302 -9.16 0.45 9.72
CA TYR A 302 -10.00 -0.35 10.61
C TYR A 302 -11.37 -0.69 10.00
N GLY A 303 -11.64 -0.18 8.81
CA GLY A 303 -12.98 -0.31 8.27
C GLY A 303 -13.34 0.93 7.48
N GLY A 304 -14.62 1.24 7.41
CA GLY A 304 -15.01 2.43 6.65
C GLY A 304 -16.51 2.48 6.50
N CYS A 305 -17.00 3.55 5.87
CA CYS A 305 -18.44 3.81 5.85
C CYS A 305 -19.14 3.07 4.69
N ALA A 306 -18.37 2.34 3.85
CA ALA A 306 -18.90 1.43 2.84
C ALA A 306 -20.00 0.55 3.43
N ALA A 307 -20.96 0.18 2.60
CA ALA A 307 -21.96 -0.83 2.93
C ALA A 307 -21.24 -2.15 3.28
N PHE A 308 -21.78 -2.82 4.31
CA PHE A 308 -21.12 -4.00 4.84
C PHE A 308 -21.11 -5.16 3.84
N THR A 309 -21.95 -5.09 2.81
CA THR A 309 -21.97 -6.14 1.79
C THR A 309 -20.89 -5.95 0.73
N ASN A 310 -20.09 -4.89 0.87
CA ASN A 310 -19.01 -4.63 -0.06
C ASN A 310 -17.77 -5.40 0.39
N GLU A 311 -17.66 -6.62 -0.14
CA GLU A 311 -16.68 -7.58 0.35
C GLU A 311 -15.71 -8.00 -0.75
N GLY A 312 -15.64 -7.25 -1.84
CA GLY A 312 -14.73 -7.56 -2.93
C GLY A 312 -15.05 -8.84 -3.69
N ASP A 313 -16.35 -9.18 -3.82
CA ASP A 313 -16.73 -10.35 -4.60
C ASP A 313 -16.14 -10.31 -6.01
N LEU A 314 -16.05 -9.13 -6.65
CA LEU A 314 -15.56 -9.11 -8.03
C LEU A 314 -14.11 -9.59 -8.10
N VAL A 315 -13.31 -9.39 -7.04
CA VAL A 315 -11.92 -9.84 -7.02
C VAL A 315 -11.88 -11.37 -7.12
N ARG A 316 -12.78 -12.05 -6.40
CA ARG A 316 -12.85 -13.52 -6.47
C ARG A 316 -13.46 -13.96 -7.81
N ILE A 317 -14.51 -13.26 -8.25
CA ILE A 317 -15.18 -13.58 -9.50
C ILE A 317 -14.20 -13.52 -10.68
N THR A 318 -13.27 -12.55 -10.68
CA THR A 318 -12.41 -12.37 -11.84
C THR A 318 -11.08 -13.14 -11.72
N SER A 319 -10.88 -13.89 -10.65
CA SER A 319 -9.58 -14.50 -10.43
C SER A 319 -9.26 -15.58 -11.46
N SER A 320 -10.29 -16.10 -12.14
N SER A 320 -10.30 -16.08 -12.14
CA SER A 320 -10.04 -17.08 -13.20
CA SER A 320 -10.12 -17.09 -13.18
C SER A 320 -10.25 -16.49 -14.60
C SER A 320 -10.25 -16.49 -14.58
N LEU A 321 -10.50 -15.18 -14.68
CA LEU A 321 -10.88 -14.61 -15.97
C LEU A 321 -9.70 -13.90 -16.63
N GLY A 322 -8.54 -13.82 -15.97
CA GLY A 322 -7.35 -13.21 -16.58
C GLY A 322 -7.44 -11.67 -16.64
N VAL A 323 -7.87 -11.01 -15.57
CA VAL A 323 -7.97 -9.55 -15.58
C VAL A 323 -6.64 -8.95 -15.07
N GLN A 324 -6.54 -7.62 -15.10
CA GLN A 324 -5.43 -6.91 -14.47
C GLN A 324 -5.98 -6.13 -13.28
N LEU A 325 -5.70 -6.57 -12.05
CA LEU A 325 -6.12 -5.81 -10.88
C LEU A 325 -5.25 -4.55 -10.75
N ARG A 326 -5.88 -3.37 -10.72
CA ARG A 326 -5.11 -2.12 -10.74
C ARG A 326 -5.63 -1.18 -9.65
N ASN A 327 -4.75 -0.29 -9.19
CA ASN A 327 -5.04 0.65 -8.12
C ASN A 327 -5.48 -0.05 -6.83
N MET A 328 -5.04 -1.32 -6.64
CA MET A 328 -5.50 -2.10 -5.49
C MET A 328 -4.92 -1.54 -4.19
N ASN A 329 -3.85 -0.77 -4.29
CA ASN A 329 -3.18 -0.22 -3.12
C ASN A 329 -3.90 1.03 -2.58
N HIS A 330 -4.96 1.51 -3.24
CA HIS A 330 -5.59 2.76 -2.79
C HIS A 330 -7.07 2.63 -2.44
N ALA A 331 -7.48 3.39 -1.43
CA ALA A 331 -8.87 3.60 -1.06
C ALA A 331 -9.16 5.09 -1.02
N TRP A 332 -10.44 5.46 -1.06
CA TRP A 332 -10.86 6.78 -0.63
C TRP A 332 -10.74 6.78 0.90
N LEU A 333 -9.88 7.62 1.48
CA LEU A 333 -9.55 7.52 2.90
C LEU A 333 -10.27 8.62 3.69
N CYS A 334 -10.49 8.35 4.99
CA CYS A 334 -11.04 9.36 5.88
C CYS A 334 -10.82 8.91 7.31
N PRO A 335 -10.63 9.84 8.27
CA PRO A 335 -10.64 9.48 9.69
C PRO A 335 -12.05 8.96 9.97
N VAL A 336 -12.19 8.15 11.02
CA VAL A 336 -13.50 7.70 11.48
C VAL A 336 -13.54 7.80 13.00
N THR A 337 -14.75 7.89 13.56
CA THR A 337 -14.97 7.67 14.99
C THR A 337 -14.59 6.21 15.26
N PHE A 338 -13.45 6.01 15.93
CA PHE A 338 -12.83 4.69 16.02
C PHE A 338 -13.81 3.64 16.55
N GLU A 339 -14.57 4.00 17.59
CA GLU A 339 -15.41 2.99 18.24
C GLU A 339 -16.55 2.53 17.33
N LYS A 340 -17.00 3.39 16.41
CA LYS A 340 -18.04 3.03 15.47
C LYS A 340 -17.50 2.11 14.39
N ALA A 341 -16.22 2.25 14.04
CA ALA A 341 -15.61 1.35 13.07
C ALA A 341 -15.50 -0.03 13.70
N ILE A 342 -14.92 -0.09 14.92
CA ILE A 342 -14.68 -1.36 15.57
C ILE A 342 -16.03 -2.05 15.82
N GLY A 343 -17.02 -1.27 16.25
CA GLY A 343 -18.32 -1.79 16.62
C GLY A 343 -19.24 -2.07 15.43
N ARG A 344 -18.77 -1.78 14.20
CA ARG A 344 -19.58 -1.99 13.01
C ARG A 344 -20.95 -1.30 13.11
N ASP A 345 -20.90 -0.02 13.46
CA ASP A 345 -22.09 0.81 13.41
C ASP A 345 -22.37 1.09 11.93
N GLY A 346 -23.48 0.54 11.43
CA GLY A 346 -23.83 0.64 10.01
C GLY A 346 -24.23 2.05 9.60
N SER A 347 -24.59 2.90 10.57
CA SER A 347 -24.94 4.28 10.26
C SER A 347 -23.69 5.19 10.21
N MET A 348 -22.51 4.66 10.53
CA MET A 348 -21.30 5.47 10.63
C MET A 348 -21.00 6.19 9.31
N SER A 349 -20.59 7.46 9.40
CA SER A 349 -20.04 8.17 8.27
C SER A 349 -18.55 8.41 8.51
N GLY A 350 -17.77 8.52 7.41
CA GLY A 350 -16.41 9.04 7.56
C GLY A 350 -16.43 10.45 8.16
N MET A 351 -15.35 10.85 8.83
CA MET A 351 -15.32 12.15 9.49
C MET A 351 -14.87 13.22 8.49
N PHE A 352 -15.80 13.68 7.64
CA PHE A 352 -15.49 14.57 6.54
C PHE A 352 -15.27 16.00 7.06
N SER A 353 -15.98 16.32 8.15
CA SER A 353 -15.80 17.59 8.83
C SER A 353 -15.45 17.27 10.28
N VAL A 354 -14.25 17.65 10.71
CA VAL A 354 -13.88 17.43 12.09
C VAL A 354 -14.42 18.58 12.94
N ALA A 355 -15.35 18.28 13.84
CA ALA A 355 -16.18 19.32 14.47
C ALA A 355 -15.42 20.03 15.59
N GLY A 356 -15.72 21.33 15.78
CA GLY A 356 -15.26 22.10 16.94
C GLY A 356 -14.14 23.09 16.60
N ASP A 357 -14.22 24.30 17.17
CA ASP A 357 -13.12 25.25 17.06
C ASP A 357 -12.30 25.28 18.36
N SER A 358 -12.99 25.12 19.50
CA SER A 358 -12.32 24.95 20.79
C SER A 358 -12.11 23.46 21.03
N MET A 359 -11.21 22.86 20.25
CA MET A 359 -11.03 21.42 20.09
C MET A 359 -9.63 21.21 19.50
N ILE A 360 -8.92 20.18 19.98
CA ILE A 360 -7.64 19.81 19.40
C ILE A 360 -7.61 18.29 19.31
N PHE A 361 -6.74 17.78 18.44
CA PHE A 361 -6.35 16.38 18.47
C PHE A 361 -5.01 16.27 19.16
N VAL A 362 -4.85 15.28 20.06
CA VAL A 362 -3.54 15.00 20.61
C VAL A 362 -3.25 13.52 20.39
N ASP A 363 -1.95 13.21 20.36
CA ASP A 363 -1.52 11.82 20.36
C ASP A 363 -1.47 11.31 21.80
N LYS A 364 -1.02 10.05 21.98
CA LYS A 364 -0.97 9.43 23.29
C LYS A 364 0.04 10.11 24.22
N ARG A 365 0.88 11.01 23.71
CA ARG A 365 1.80 11.78 24.54
C ARG A 365 1.15 13.09 25.03
N GLY A 366 -0.03 13.42 24.48
CA GLY A 366 -0.74 14.62 24.85
C GLY A 366 -0.26 15.84 24.07
N LYS A 367 0.30 15.62 22.87
CA LYS A 367 0.80 16.68 22.01
C LYS A 367 0.01 16.70 20.70
N ARG A 368 -0.23 17.92 20.16
CA ARG A 368 -0.75 18.04 18.80
C ARG A 368 0.27 17.54 17.81
N VAL A 369 -0.19 16.92 16.70
CA VAL A 369 0.73 16.32 15.74
C VAL A 369 0.30 16.67 14.31
N VAL A 370 -0.87 17.31 14.17
CA VAL A 370 -1.43 17.52 12.84
C VAL A 370 -2.45 18.66 12.87
N ASN A 371 -2.61 19.29 11.72
CA ASN A 371 -3.73 20.19 11.49
C ASN A 371 -5.04 19.41 11.47
N GLU A 372 -5.89 19.57 12.50
CA GLU A 372 -7.11 18.78 12.65
C GLU A 372 -8.14 19.10 11.55
N LYS A 373 -7.94 20.20 10.81
CA LYS A 373 -8.89 20.64 9.81
C LYS A 373 -8.42 20.25 8.41
N LEU A 374 -7.36 19.47 8.31
CA LEU A 374 -6.83 19.02 7.01
C LEU A 374 -7.85 18.13 6.28
N ASN A 375 -7.89 18.22 4.94
CA ASN A 375 -8.73 17.38 4.08
C ASN A 375 -8.65 15.92 4.52
N TYR A 376 -9.83 15.28 4.63
CA TYR A 376 -9.98 13.98 5.28
C TYR A 376 -9.12 12.90 4.61
N ASN A 377 -9.02 12.93 3.27
CA ASN A 377 -8.31 11.88 2.56
C ASN A 377 -6.82 11.94 2.92
N GLU A 378 -6.34 13.15 3.23
CA GLU A 378 -4.95 13.38 3.58
C GLU A 378 -4.73 13.17 5.08
N LEU A 379 -5.66 13.65 5.93
CA LEU A 379 -5.53 13.58 7.39
C LEU A 379 -5.47 12.11 7.84
N CYS A 380 -6.29 11.26 7.20
CA CYS A 380 -6.28 9.85 7.54
C CYS A 380 -4.86 9.26 7.49
N GLN A 381 -4.03 9.74 6.54
CA GLN A 381 -2.70 9.19 6.32
C GLN A 381 -1.76 9.48 7.49
N LYS A 382 -1.98 10.59 8.21
CA LYS A 382 -1.18 10.94 9.36
C LYS A 382 -1.27 9.84 10.43
N LEU A 383 -2.41 9.13 10.51
CA LEU A 383 -2.66 8.13 11.53
C LEU A 383 -1.78 6.91 11.36
N PHE A 384 -1.20 6.74 10.16
CA PHE A 384 -0.42 5.56 9.88
C PHE A 384 1.07 5.85 9.70
N GLU A 385 1.54 7.03 10.10
N GLU A 385 1.54 7.02 10.15
CA GLU A 385 2.99 7.23 10.17
CA GLU A 385 2.97 7.28 10.29
C GLU A 385 3.61 6.13 11.05
C GLU A 385 3.61 6.12 11.07
N TRP A 386 4.83 5.72 10.66
CA TRP A 386 5.46 4.54 11.25
C TRP A 386 6.70 4.95 12.05
N ASP A 387 6.79 4.49 13.30
CA ASP A 387 7.97 4.68 14.12
C ASP A 387 8.75 3.37 14.12
N GLY A 388 9.80 3.31 13.30
CA GLY A 388 10.56 2.09 13.09
C GLY A 388 11.40 1.70 14.31
N ALA A 389 11.79 2.68 15.14
CA ALA A 389 12.63 2.39 16.30
C ALA A 389 11.79 1.67 17.36
N LYS A 390 10.53 2.09 17.50
CA LYS A 390 9.68 1.52 18.54
C LYS A 390 8.74 0.45 17.98
N VAL A 391 8.77 0.22 16.66
CA VAL A 391 7.90 -0.77 16.02
C VAL A 391 6.45 -0.49 16.39
N GLU A 392 6.01 0.75 16.15
CA GLU A 392 4.63 1.09 16.46
C GLU A 392 4.17 2.22 15.56
N TYR A 393 2.85 2.40 15.51
CA TYR A 393 2.23 3.52 14.82
C TYR A 393 1.92 4.59 15.86
N PRO A 394 2.74 5.68 15.99
CA PRO A 394 2.57 6.63 17.09
C PRO A 394 1.22 7.35 17.10
N ASN A 395 0.57 7.48 15.94
CA ASN A 395 -0.68 8.24 15.81
C ASN A 395 -1.86 7.30 15.51
N LEU A 396 -1.72 6.00 15.80
CA LEU A 396 -2.65 4.97 15.32
C LEU A 396 -4.09 5.37 15.66
N VAL A 397 -4.27 5.85 16.89
N VAL A 397 -4.29 5.83 16.90
CA VAL A 397 -5.47 6.57 17.27
CA VAL A 397 -5.49 6.62 17.20
C VAL A 397 -5.04 7.94 17.80
C VAL A 397 -5.03 7.95 17.76
N LEU A 398 -5.75 9.00 17.39
CA LEU A 398 -5.59 10.32 17.98
C LEU A 398 -6.81 10.62 18.85
N ILE A 399 -6.65 11.55 19.80
CA ILE A 399 -7.75 11.86 20.71
C ILE A 399 -8.23 13.28 20.42
N SER A 400 -9.49 13.41 20.01
CA SER A 400 -10.13 14.70 19.81
C SER A 400 -10.65 15.12 21.19
N ILE A 401 -10.26 16.34 21.61
CA ILE A 401 -10.62 16.85 22.93
C ILE A 401 -11.33 18.17 22.73
N TRP A 402 -12.52 18.33 23.32
CA TRP A 402 -13.25 19.59 23.18
C TRP A 402 -13.91 19.97 24.50
N ASP A 403 -14.49 21.17 24.52
CA ASP A 403 -15.06 21.74 25.73
C ASP A 403 -16.58 21.92 25.54
N GLN A 404 -17.20 22.55 26.54
CA GLN A 404 -18.65 22.68 26.56
C GLN A 404 -19.11 23.58 25.41
N ARG A 405 -18.34 24.64 25.11
CA ARG A 405 -18.69 25.52 24.01
C ARG A 405 -18.82 24.72 22.70
N SER A 406 -17.83 23.89 22.37
CA SER A 406 -17.87 23.12 21.13
C SER A 406 -18.97 22.05 21.20
N GLN A 407 -19.19 21.47 22.39
CA GLN A 407 -20.25 20.52 22.59
C GLN A 407 -21.61 21.14 22.24
N ASP A 408 -21.83 22.39 22.69
CA ASP A 408 -23.10 23.05 22.52
C ASP A 408 -23.26 23.59 21.10
N HIS A 409 -22.18 24.04 20.43
CA HIS A 409 -22.35 24.86 19.24
C HIS A 409 -21.72 24.25 17.99
N SER A 410 -21.03 23.12 18.12
CA SER A 410 -20.38 22.45 16.99
C SER A 410 -20.93 21.05 16.77
N ALA A 411 -21.91 20.63 17.58
CA ALA A 411 -22.42 19.28 17.53
C ALA A 411 -23.17 19.08 16.22
N SER A 412 -23.14 17.85 15.68
CA SER A 412 -23.80 17.60 14.40
C SER A 412 -24.10 16.11 14.28
N ASN A 413 -25.24 15.81 13.64
CA ASN A 413 -25.61 14.45 13.29
C ASN A 413 -24.98 14.05 11.96
N ASP A 414 -24.33 14.99 11.27
CA ASP A 414 -23.96 14.77 9.89
C ASP A 414 -22.43 14.69 9.70
N TYR A 415 -22.00 14.05 8.60
CA TYR A 415 -20.65 14.17 8.06
C TYR A 415 -19.61 13.62 9.04
N GLY A 416 -20.04 12.67 9.90
CA GLY A 416 -19.15 11.87 10.71
C GLY A 416 -18.59 12.62 11.92
N SER A 417 -19.18 13.77 12.25
CA SER A 417 -18.81 14.53 13.44
C SER A 417 -18.76 13.62 14.68
N ALA A 418 -17.68 13.75 15.46
CA ALA A 418 -17.57 13.09 16.76
C ALA A 418 -18.39 13.81 17.83
N ILE A 419 -18.65 15.10 17.63
CA ILE A 419 -19.42 15.91 18.57
C ILE A 419 -20.89 15.81 18.16
N VAL A 420 -21.72 15.22 19.02
CA VAL A 420 -23.08 14.87 18.61
C VAL A 420 -24.08 15.53 19.55
N PRO A 421 -25.27 15.94 19.07
CA PRO A 421 -26.25 16.64 19.91
C PRO A 421 -27.02 15.74 20.88
N PRO A 422 -27.76 16.30 21.86
CA PRO A 422 -28.48 15.46 22.83
C PRO A 422 -29.48 14.60 22.06
N GLY A 423 -29.49 13.31 22.37
CA GLY A 423 -30.39 12.43 21.64
C GLY A 423 -29.61 11.48 20.74
N ALA A 424 -28.52 11.97 20.15
CA ALA A 424 -27.69 11.17 19.27
C ALA A 424 -26.95 10.08 20.07
N ASP A 425 -26.56 9.01 19.39
CA ASP A 425 -25.73 7.98 19.99
C ASP A 425 -24.38 8.58 20.39
N ASP A 426 -24.05 8.50 21.67
CA ASP A 426 -22.85 9.15 22.15
C ASP A 426 -21.99 8.18 22.95
N ARG A 427 -22.13 6.87 22.69
CA ARG A 427 -21.32 5.89 23.40
C ARG A 427 -19.82 6.14 23.17
N HIS A 428 -19.47 6.75 22.03
CA HIS A 428 -18.07 7.00 21.73
C HIS A 428 -17.51 8.23 22.45
N VAL A 429 -18.36 8.97 23.17
CA VAL A 429 -17.91 10.23 23.76
C VAL A 429 -17.39 9.93 25.17
N ILE A 430 -16.18 10.40 25.46
CA ILE A 430 -15.53 10.28 26.75
C ILE A 430 -15.73 11.61 27.50
N LYS A 431 -16.03 11.55 28.81
CA LYS A 431 -16.38 12.78 29.51
C LYS A 431 -15.73 12.82 30.89
N SER A 432 -15.37 14.02 31.34
CA SER A 432 -14.90 14.21 32.70
C SER A 432 -15.01 15.67 33.10
N ASP A 433 -15.07 15.93 34.41
CA ASP A 433 -15.19 17.30 34.88
C ASP A 433 -13.85 18.02 34.85
N THR A 434 -12.73 17.28 34.80
CA THR A 434 -11.42 17.90 34.84
C THR A 434 -10.53 17.25 33.78
N LEU A 435 -9.42 17.91 33.43
CA LEU A 435 -8.48 17.36 32.46
C LEU A 435 -7.82 16.09 33.00
N ASP A 436 -7.46 16.08 34.30
CA ASP A 436 -6.87 14.90 34.91
C ASP A 436 -7.82 13.70 34.88
N GLY A 437 -9.10 13.99 35.16
CA GLY A 437 -10.12 12.96 35.08
C GLY A 437 -10.29 12.46 33.64
N LEU A 438 -10.22 13.38 32.67
CA LEU A 438 -10.37 13.01 31.26
C LEU A 438 -9.30 11.98 30.86
N SER A 439 -8.05 12.22 31.24
CA SER A 439 -6.99 11.29 30.86
C SER A 439 -7.21 9.90 31.47
N GLN A 440 -7.76 9.84 32.69
CA GLN A 440 -8.07 8.54 33.29
C GLN A 440 -9.17 7.86 32.50
N GLN A 441 -10.16 8.62 32.02
CA GLN A 441 -11.24 8.06 31.22
C GLN A 441 -10.72 7.60 29.85
N ILE A 442 -9.83 8.39 29.22
CA ILE A 442 -9.22 7.98 27.95
C ILE A 442 -8.48 6.65 28.12
N SER A 443 -7.64 6.53 29.16
CA SER A 443 -6.92 5.29 29.46
C SER A 443 -7.85 4.07 29.53
N LEU A 444 -8.99 4.21 30.17
CA LEU A 444 -9.95 3.11 30.25
C LEU A 444 -10.43 2.74 28.85
N ARG A 445 -10.62 3.74 27.98
CA ARG A 445 -11.10 3.47 26.64
C ARG A 445 -10.02 2.75 25.82
N LEU A 446 -8.75 3.18 25.95
CA LEU A 446 -7.62 2.53 25.30
C LEU A 446 -7.52 1.06 25.73
N LYS A 447 -7.70 0.82 27.04
CA LYS A 447 -7.61 -0.55 27.56
C LYS A 447 -8.73 -1.42 26.97
N LYS A 448 -9.94 -0.86 26.82
CA LYS A 448 -11.03 -1.61 26.25
C LYS A 448 -10.69 -2.13 24.85
N TYR A 449 -9.95 -1.34 24.05
CA TYR A 449 -9.69 -1.71 22.66
C TYR A 449 -8.22 -2.10 22.44
N ALA A 450 -7.54 -2.50 23.51
CA ALA A 450 -6.10 -2.76 23.50
C ALA A 450 -5.69 -3.68 22.35
N GLY A 451 -6.44 -4.78 22.16
CA GLY A 451 -6.17 -5.79 21.15
C GLY A 451 -6.28 -5.28 19.70
N GLN A 452 -6.77 -4.04 19.49
CA GLN A 452 -6.92 -3.45 18.15
C GLN A 452 -5.85 -2.39 17.87
N ILE A 453 -5.19 -1.89 18.94
CA ILE A 453 -4.35 -0.71 18.82
C ILE A 453 -2.97 -0.93 19.46
N GLY A 454 -2.47 -2.16 19.42
CA GLY A 454 -1.12 -2.43 19.89
C GLY A 454 -0.94 -2.20 21.39
N HIS A 455 -2.03 -2.34 22.15
CA HIS A 455 -1.98 -2.12 23.60
C HIS A 455 -1.41 -0.73 23.91
N MET A 456 -1.75 0.26 23.07
N MET A 456 -1.79 0.27 23.10
CA MET A 456 -1.35 1.66 23.24
CA MET A 456 -1.32 1.64 23.31
C MET A 456 -1.71 2.14 24.65
C MET A 456 -1.72 2.15 24.70
N GLU A 457 -0.81 2.92 25.27
N GLU A 457 -0.80 2.91 25.32
CA GLU A 457 -1.06 3.56 26.56
CA GLU A 457 -1.04 3.54 26.62
C GLU A 457 -0.68 5.03 26.50
C GLU A 457 -0.68 5.02 26.52
N LEU A 458 -1.33 5.85 27.34
CA LEU A 458 -0.95 7.26 27.42
C LEU A 458 0.42 7.34 28.07
N SER A 459 1.24 8.32 27.65
CA SER A 459 2.53 8.61 28.26
C SER A 459 2.35 8.96 29.75
N SER A 460 3.36 8.67 30.59
CA SER A 460 3.26 9.02 32.00
C SER A 460 3.21 10.55 32.19
N ASP A 461 3.70 11.33 31.22
CA ASP A 461 3.68 12.78 31.23
C ASP A 461 2.46 13.35 30.52
N PHE A 462 1.48 12.51 30.14
CA PHE A 462 0.32 12.99 29.39
C PHE A 462 -0.30 14.27 29.98
N ASN A 463 -0.60 14.28 31.29
CA ASN A 463 -1.33 15.38 31.91
C ASN A 463 -0.59 16.70 31.68
N ALA A 464 0.70 16.72 32.00
CA ALA A 464 1.48 17.93 31.92
C ALA A 464 1.66 18.34 30.45
N ASN A 465 1.86 17.35 29.58
CA ASN A 465 1.99 17.65 28.16
C ASN A 465 0.70 18.28 27.62
N LEU A 466 -0.46 17.75 28.04
CA LEU A 466 -1.73 18.28 27.55
C LEU A 466 -1.91 19.74 28.00
N ARG A 467 -1.52 20.04 29.25
CA ARG A 467 -1.63 21.42 29.73
C ARG A 467 -0.78 22.35 28.88
N GLU A 468 0.44 21.91 28.54
CA GLU A 468 1.33 22.70 27.70
C GLU A 468 0.76 22.87 26.28
N SER A 469 0.17 21.80 25.74
CA SER A 469 -0.46 21.80 24.43
C SER A 469 -1.62 22.78 24.38
N ILE A 470 -2.44 22.82 25.43
CA ILE A 470 -3.58 23.71 25.44
C ILE A 470 -3.13 25.16 25.60
N LEU A 471 -2.11 25.40 26.44
CA LEU A 471 -1.60 26.75 26.60
C LEU A 471 -1.10 27.28 25.25
N ARG A 472 -0.36 26.45 24.53
CA ARG A 472 0.15 26.83 23.21
C ARG A 472 -0.99 27.09 22.21
N PHE A 473 -1.94 26.16 22.15
CA PHE A 473 -3.07 26.28 21.24
C PHE A 473 -3.91 27.53 21.54
N ASN A 474 -4.13 27.81 22.83
CA ASN A 474 -4.97 28.94 23.24
C ASN A 474 -4.36 30.25 22.75
N GLY A 475 -3.02 30.32 22.77
CA GLY A 475 -2.33 31.47 22.20
C GLY A 475 -2.55 31.60 20.70
N PHE A 476 -2.45 30.46 19.98
CA PHE A 476 -2.73 30.43 18.55
C PHE A 476 -4.17 30.86 18.27
N ALA A 477 -5.11 30.40 19.10
CA ALA A 477 -6.50 30.74 18.86
C ALA A 477 -6.73 32.26 19.03
N SER A 478 -5.97 32.90 19.93
N SER A 478 -5.97 32.89 19.93
CA SER A 478 -6.17 34.31 20.18
CA SER A 478 -6.17 34.30 20.19
C SER A 478 -5.58 35.17 19.07
C SER A 478 -5.58 35.17 19.08
N THR A 479 -4.43 34.77 18.54
CA THR A 479 -3.84 35.50 17.43
C THR A 479 -4.48 35.13 16.10
N GLY A 480 -5.12 33.96 16.03
CA GLY A 480 -5.65 33.47 14.77
C GLY A 480 -4.59 32.77 13.90
N LYS A 481 -3.40 32.51 14.44
CA LYS A 481 -2.33 31.92 13.65
C LYS A 481 -1.77 30.69 14.36
N ASP A 482 -1.99 29.50 13.78
CA ASP A 482 -1.47 28.25 14.33
C ASP A 482 -0.07 28.07 13.78
N GLU A 483 0.93 28.43 14.61
CA GLU A 483 2.31 28.44 14.17
C GLU A 483 2.85 27.02 13.95
N ASP A 484 2.22 26.02 14.58
CA ASP A 484 2.67 24.65 14.54
C ASP A 484 2.14 23.96 13.28
N PHE A 485 0.82 23.99 13.05
CA PHE A 485 0.25 23.16 12.00
C PHE A 485 -0.61 23.94 10.99
N HIS A 486 -0.70 25.28 11.14
CA HIS A 486 -1.31 26.15 10.13
C HIS A 486 -2.81 25.88 9.96
N ARG A 487 -3.50 25.45 11.02
CA ARG A 487 -4.93 25.23 11.00
C ARG A 487 -5.63 26.52 10.57
N GLY A 488 -6.47 26.41 9.51
CA GLY A 488 -7.25 27.53 8.99
C GLY A 488 -6.54 28.30 7.87
N GLU A 489 -5.31 27.93 7.50
CA GLU A 489 -4.63 28.72 6.48
C GLU A 489 -4.95 28.27 5.06
N ARG A 490 -5.50 27.08 4.88
CA ARG A 490 -5.91 26.70 3.54
C ARG A 490 -7.43 26.82 3.45
N ALA A 491 -7.96 27.13 2.26
CA ALA A 491 -9.39 27.37 2.10
C ALA A 491 -10.18 26.16 2.60
N SER A 492 -9.71 24.95 2.31
CA SER A 492 -10.48 23.76 2.63
C SER A 492 -10.62 23.59 4.14
N ASP A 493 -9.64 24.08 4.93
CA ASP A 493 -9.77 24.04 6.38
C ASP A 493 -11.02 24.81 6.84
N VAL A 494 -11.26 25.99 6.25
CA VAL A 494 -12.35 26.88 6.59
C VAL A 494 -13.65 26.31 6.03
N LEU A 495 -13.57 25.82 4.78
CA LEU A 495 -14.76 25.41 4.03
C LEU A 495 -15.44 24.23 4.71
N PHE A 496 -14.66 23.30 5.30
CA PHE A 496 -15.25 22.12 5.95
C PHE A 496 -15.12 22.16 7.47
N ASN A 497 -15.02 23.38 8.01
CA ASN A 497 -14.80 23.63 9.43
C ASN A 497 -15.98 23.15 10.28
N GLY A 498 -17.19 23.14 9.71
CA GLY A 498 -18.41 22.77 10.43
C GLY A 498 -18.99 23.96 11.18
N SER A 499 -19.97 23.72 12.05
CA SER A 499 -20.63 24.79 12.80
C SER A 499 -19.77 25.21 13.99
N THR A 500 -19.80 26.50 14.32
CA THR A 500 -19.17 27.03 15.52
C THR A 500 -20.04 28.12 16.14
N LYS A 501 -19.86 28.38 17.44
CA LYS A 501 -20.43 29.60 18.01
C LYS A 501 -19.68 30.82 17.47
N LYS A 502 -20.35 31.69 16.70
CA LYS A 502 -19.59 32.73 16.02
C LYS A 502 -19.27 33.82 17.03
N GLU A 503 -17.98 34.15 17.19
CA GLU A 503 -17.52 35.05 18.23
C GLU A 503 -17.15 36.37 17.57
N PRO A 504 -17.58 37.52 18.13
CA PRO A 504 -17.32 38.83 17.51
C PRO A 504 -15.87 39.04 17.06
N ASP A 505 -14.90 38.72 17.91
CA ASP A 505 -13.51 39.07 17.64
C ASP A 505 -12.62 37.85 17.29
N GLN A 506 -13.23 36.78 16.75
CA GLN A 506 -12.50 35.59 16.32
C GLN A 506 -11.70 35.89 15.05
N LYS A 507 -10.38 35.70 15.09
CA LYS A 507 -9.55 36.05 13.94
C LYS A 507 -9.49 34.92 12.91
N ASN A 508 -9.62 33.68 13.40
CA ASN A 508 -9.53 32.49 12.56
C ASN A 508 -10.71 31.61 12.93
N PRO A 509 -11.63 31.33 11.96
CA PRO A 509 -12.87 30.62 12.30
C PRO A 509 -12.65 29.19 12.80
N THR A 510 -11.45 28.63 12.57
CA THR A 510 -11.21 27.23 12.91
C THR A 510 -10.65 27.04 14.32
N MET A 511 -10.43 28.11 15.07
CA MET A 511 -9.84 27.96 16.40
C MET A 511 -10.45 28.97 17.36
N TRP A 512 -10.68 28.49 18.60
CA TRP A 512 -11.09 29.35 19.70
C TRP A 512 -10.49 28.74 20.96
N PRO A 513 -10.07 29.52 21.99
CA PRO A 513 -9.39 28.91 23.14
C PRO A 513 -10.27 27.86 23.81
N ILE A 514 -9.64 26.76 24.23
CA ILE A 514 -10.30 25.75 25.04
C ILE A 514 -10.51 26.27 26.46
N SER A 515 -11.71 26.01 26.97
CA SER A 515 -12.19 26.40 28.29
C SER A 515 -11.22 26.01 29.39
N SER A 516 -11.12 26.91 30.37
CA SER A 516 -10.34 26.72 31.58
C SER A 516 -11.15 25.97 32.63
N VAL A 517 -12.40 25.62 32.34
CA VAL A 517 -13.15 24.75 33.26
C VAL A 517 -13.86 23.66 32.44
N GLY A 518 -14.09 22.50 33.05
CA GLY A 518 -14.88 21.44 32.45
C GLY A 518 -16.35 21.79 32.31
N PRO A 519 -17.20 20.83 31.89
CA PRO A 519 -16.73 19.49 31.55
C PRO A 519 -15.88 19.47 30.27
N TYR A 520 -15.07 18.43 30.14
CA TYR A 520 -14.28 18.17 28.94
C TYR A 520 -14.75 16.88 28.31
N TYR A 521 -14.57 16.79 26.98
CA TYR A 521 -15.10 15.71 26.17
C TYR A 521 -13.99 15.22 25.24
N ALA A 522 -14.05 13.93 24.88
CA ALA A 522 -13.02 13.37 24.00
C ALA A 522 -13.61 12.22 23.17
N ALA A 523 -12.98 11.94 22.03
CA ALA A 523 -13.32 10.73 21.26
C ALA A 523 -12.06 10.26 20.53
N LEU A 524 -11.94 8.94 20.42
CA LEU A 524 -10.88 8.31 19.66
C LEU A 524 -11.17 8.43 18.18
N VAL A 525 -10.13 8.80 17.44
CA VAL A 525 -10.17 8.96 16.00
C VAL A 525 -9.18 7.99 15.37
N GLY A 526 -9.69 7.14 14.46
CA GLY A 526 -8.84 6.17 13.79
C GLY A 526 -9.01 6.30 12.28
N GLY A 527 -8.26 5.49 11.51
CA GLY A 527 -8.23 5.62 10.06
C GLY A 527 -9.20 4.64 9.41
N GLY A 528 -10.01 5.13 8.46
CA GLY A 528 -10.92 4.25 7.74
C GLY A 528 -11.03 4.67 6.27
N THR A 529 -12.02 4.10 5.57
CA THR A 529 -12.22 4.41 4.16
C THR A 529 -13.64 4.91 3.98
N LEU A 530 -13.91 5.49 2.80
CA LEU A 530 -15.26 5.59 2.29
C LEU A 530 -15.53 4.24 1.62
N ASP A 531 -14.71 3.90 0.61
CA ASP A 531 -14.55 2.50 0.20
C ASP A 531 -13.23 2.41 -0.55
N THR A 532 -12.90 1.22 -1.07
CA THR A 532 -11.71 1.03 -1.87
C THR A 532 -11.95 1.48 -3.30
N LYS A 533 -10.87 1.62 -4.09
CA LYS A 533 -11.03 2.04 -5.47
C LYS A 533 -10.05 1.32 -6.38
N GLY A 534 -9.76 0.05 -6.04
CA GLY A 534 -8.99 -0.82 -6.91
C GLY A 534 -9.83 -2.03 -7.34
N GLY A 535 -9.52 -2.51 -8.54
CA GLY A 535 -10.15 -3.69 -9.07
C GLY A 535 -9.67 -3.93 -10.50
N PRO A 536 -10.39 -4.80 -11.24
CA PRO A 536 -10.05 -5.05 -12.65
C PRO A 536 -9.98 -3.71 -13.39
N LYS A 537 -8.96 -3.58 -14.21
CA LYS A 537 -8.78 -2.44 -15.09
C LYS A 537 -9.80 -2.52 -16.22
N THR A 538 -10.45 -1.38 -16.50
CA THR A 538 -11.27 -1.22 -17.70
C THR A 538 -10.62 -0.17 -18.62
N ASN A 539 -11.05 -0.16 -19.88
CA ASN A 539 -10.77 0.97 -20.77
C ASN A 539 -11.74 2.10 -20.44
N THR A 540 -11.76 3.16 -21.27
CA THR A 540 -12.60 4.30 -20.94
C THR A 540 -14.07 4.02 -21.24
N HIS A 541 -14.36 2.84 -21.83
CA HIS A 541 -15.74 2.47 -22.11
C HIS A 541 -16.26 1.45 -21.11
N GLY A 542 -15.55 1.27 -19.99
CA GLY A 542 -16.02 0.40 -18.92
C GLY A 542 -15.79 -1.10 -19.22
N GLN A 543 -15.07 -1.41 -20.30
CA GLN A 543 -14.86 -2.81 -20.68
C GLN A 543 -13.72 -3.38 -19.86
N ILE A 544 -13.96 -4.51 -19.17
CA ILE A 544 -12.94 -5.16 -18.36
C ILE A 544 -11.94 -5.83 -19.31
N LEU A 545 -10.64 -5.52 -19.11
CA LEU A 545 -9.56 -5.95 -19.98
C LEU A 545 -8.93 -7.25 -19.50
N ASP A 546 -8.44 -8.04 -20.47
CA ASP A 546 -7.59 -9.19 -20.20
C ASP A 546 -6.16 -8.68 -20.01
N ILE A 547 -5.23 -9.60 -19.77
CA ILE A 547 -3.87 -9.18 -19.43
C ILE A 547 -3.17 -8.61 -20.66
N HIS A 548 -3.75 -8.72 -21.86
CA HIS A 548 -3.10 -8.15 -23.03
C HIS A 548 -3.76 -6.82 -23.38
N ASP A 549 -4.55 -6.29 -22.45
N ASP A 549 -4.57 -6.29 -22.46
CA ASP A 549 -5.21 -4.99 -22.60
CA ASP A 549 -5.21 -4.99 -22.60
C ASP A 549 -6.37 -5.04 -23.61
C ASP A 549 -6.37 -5.04 -23.61
N LYS A 550 -6.88 -6.23 -23.92
CA LYS A 550 -8.03 -6.36 -24.83
C LYS A 550 -9.29 -6.66 -24.03
N PRO A 551 -10.46 -6.12 -24.44
CA PRO A 551 -11.71 -6.38 -23.71
C PRO A 551 -12.06 -7.87 -23.65
N ILE A 552 -12.54 -8.29 -22.47
CA ILE A 552 -13.22 -9.56 -22.33
C ILE A 552 -14.67 -9.32 -22.80
N ARG A 553 -15.05 -9.92 -23.93
CA ARG A 553 -16.27 -9.49 -24.62
C ARG A 553 -17.48 -9.76 -23.72
N GLY A 554 -18.36 -8.76 -23.65
CA GLY A 554 -19.55 -8.82 -22.82
C GLY A 554 -19.33 -8.42 -21.36
N LEU A 555 -18.10 -8.11 -20.93
CA LEU A 555 -17.88 -7.91 -19.50
C LEU A 555 -17.46 -6.46 -19.21
N TYR A 556 -18.21 -5.81 -18.30
CA TYR A 556 -18.10 -4.38 -18.03
C TYR A 556 -18.04 -4.18 -16.52
N GLY A 557 -17.47 -3.04 -16.11
CA GLY A 557 -17.42 -2.68 -14.69
C GLY A 557 -17.37 -1.17 -14.53
N VAL A 558 -18.07 -0.67 -13.48
CA VAL A 558 -18.22 0.75 -13.27
C VAL A 558 -18.15 1.00 -11.76
N GLY A 559 -17.57 2.12 -11.35
CA GLY A 559 -17.62 2.50 -9.95
C GLY A 559 -16.49 1.91 -9.14
N ASN A 560 -16.69 1.78 -7.82
CA ASN A 560 -15.61 1.36 -6.94
C ASN A 560 -15.14 -0.08 -7.18
N CYS A 561 -15.92 -0.90 -7.93
CA CYS A 561 -15.50 -2.29 -8.14
C CYS A 561 -14.38 -2.39 -9.19
N VAL A 562 -14.15 -1.33 -9.97
CA VAL A 562 -13.06 -1.36 -10.95
C VAL A 562 -12.00 -0.32 -10.58
N ALA A 563 -10.85 -0.36 -11.26
CA ALA A 563 -9.75 0.55 -10.89
C ALA A 563 -10.13 2.01 -11.21
N SER A 564 -9.98 2.91 -10.20
CA SER A 564 -10.13 4.35 -10.43
C SER A 564 -8.84 4.89 -11.04
N ALA A 565 -8.94 5.93 -11.88
CA ALA A 565 -7.75 6.57 -12.42
C ALA A 565 -7.18 7.63 -11.46
N SER A 566 -7.80 7.82 -10.30
CA SER A 566 -7.38 8.89 -9.37
C SER A 566 -6.27 8.45 -8.39
N SER A 567 -5.74 7.23 -8.57
N SER A 567 -5.74 7.23 -8.57
CA SER A 567 -4.66 6.73 -7.72
CA SER A 567 -4.66 6.72 -7.71
C SER A 567 -5.04 6.85 -6.24
C SER A 567 -5.05 6.85 -6.23
N GLY A 568 -4.20 7.53 -5.45
CA GLY A 568 -4.49 7.75 -4.03
C GLY A 568 -5.09 9.15 -3.74
N ALA A 569 -5.54 9.86 -4.79
CA ALA A 569 -5.93 11.26 -4.67
C ALA A 569 -7.44 11.41 -4.54
N TYR A 570 -7.85 12.53 -3.92
CA TYR A 570 -9.25 12.86 -3.77
C TYR A 570 -9.43 14.34 -4.17
N TRP A 571 -9.94 14.56 -5.39
CA TRP A 571 -9.83 15.86 -6.04
C TRP A 571 -10.74 16.93 -5.40
N ALA A 572 -11.95 16.53 -5.00
CA ALA A 572 -12.98 17.47 -4.59
C ALA A 572 -14.13 16.64 -4.03
N GLY A 573 -15.04 17.26 -3.30
CA GLY A 573 -16.25 16.56 -2.89
C GLY A 573 -17.08 16.19 -4.13
N GLY A 574 -17.52 14.93 -4.21
CA GLY A 574 -18.25 14.46 -5.37
C GLY A 574 -17.32 13.82 -6.41
N ALA A 575 -16.01 13.75 -6.14
CA ALA A 575 -15.06 13.18 -7.08
C ALA A 575 -15.11 11.64 -7.17
N THR A 576 -15.94 10.97 -6.36
CA THR A 576 -16.19 9.54 -6.60
C THR A 576 -17.40 9.38 -7.51
N LEU A 577 -18.50 10.08 -7.21
CA LEU A 577 -19.76 9.88 -7.90
C LEU A 577 -19.78 10.51 -9.28
N GLY A 578 -19.20 11.71 -9.41
CA GLY A 578 -19.20 12.38 -10.71
C GLY A 578 -18.55 11.53 -11.80
N PRO A 579 -17.27 11.10 -11.63
CA PRO A 579 -16.63 10.21 -12.60
C PRO A 579 -17.42 8.93 -12.84
N MET A 580 -18.00 8.39 -11.78
CA MET A 580 -18.71 7.11 -11.84
C MET A 580 -19.91 7.21 -12.80
N ILE A 581 -20.62 8.33 -12.75
CA ILE A 581 -21.77 8.53 -13.64
CA ILE A 581 -21.77 8.49 -13.65
C ILE A 581 -21.29 8.67 -15.09
N ALA A 582 -20.15 9.33 -15.29
CA ALA A 582 -19.56 9.40 -16.63
C ALA A 582 -19.28 8.00 -17.20
N PHE A 583 -18.71 7.12 -16.37
CA PHE A 583 -18.35 5.79 -16.82
C PHE A 583 -19.58 4.89 -16.99
N ALA A 584 -20.64 5.09 -16.19
CA ALA A 584 -21.87 4.33 -16.36
C ALA A 584 -22.47 4.64 -17.73
N TYR A 585 -22.42 5.91 -18.12
CA TYR A 585 -22.92 6.38 -19.40
C TYR A 585 -22.10 5.76 -20.54
N ARG A 586 -20.77 5.82 -20.43
CA ARG A 586 -19.90 5.29 -21.47
C ARG A 586 -20.03 3.76 -21.54
N ALA A 587 -20.16 3.11 -20.39
CA ALA A 587 -20.26 1.66 -20.34
C ALA A 587 -21.58 1.22 -21.00
N ALA A 588 -22.66 1.89 -20.63
CA ALA A 588 -23.98 1.54 -21.16
C ALA A 588 -24.01 1.78 -22.67
N ASN A 589 -23.43 2.89 -23.13
CA ASN A 589 -23.41 3.17 -24.56
C ASN A 589 -22.63 2.09 -25.30
N ALA A 590 -21.51 1.63 -24.75
CA ALA A 590 -20.73 0.59 -25.42
C ALA A 590 -21.46 -0.76 -25.34
N ALA A 591 -21.97 -1.09 -24.15
CA ALA A 591 -22.68 -2.36 -24.00
C ALA A 591 -23.85 -2.47 -24.98
N HIS A 592 -24.58 -1.36 -25.21
CA HIS A 592 -25.68 -1.35 -26.16
C HIS A 592 -25.25 -1.80 -27.56
N GLY A 593 -23.99 -1.51 -27.91
CA GLY A 593 -23.42 -1.89 -29.20
C GLY A 593 -22.91 -3.33 -29.26
N GLU A 594 -23.02 -4.11 -28.18
CA GLU A 594 -22.56 -5.49 -28.27
C GLU A 594 -23.50 -6.28 -29.18
N PRO A 595 -22.99 -7.28 -29.92
CA PRO A 595 -23.87 -8.24 -30.62
C PRO A 595 -24.60 -9.11 -29.60
N LYS A 596 -25.82 -9.57 -29.92
CA LYS A 596 -26.48 -10.53 -29.03
C LYS A 596 -25.77 -11.87 -29.17
N ARG A 597 -25.44 -12.52 -28.06
CA ARG A 597 -24.63 -13.71 -28.18
C ARG A 597 -25.25 -14.88 -27.41
N THR A 598 -24.71 -16.07 -27.70
CA THR A 598 -25.06 -17.39 -27.16
C THR A 598 -26.55 -17.47 -26.84
N ALA B 63 1.45 -29.30 -29.66
CA ALA B 63 0.60 -30.52 -29.47
C ALA B 63 1.23 -31.46 -28.42
N SER B 64 2.56 -31.43 -28.30
CA SER B 64 3.29 -32.31 -27.39
C SER B 64 4.47 -31.60 -26.71
N PHE B 65 5.30 -32.38 -26.00
CA PHE B 65 6.36 -31.85 -25.14
C PHE B 65 7.72 -32.23 -25.69
N SER B 66 8.67 -31.30 -25.64
CA SER B 66 9.99 -31.59 -26.16
C SER B 66 10.95 -32.08 -25.07
N ALA B 67 10.46 -32.13 -23.82
CA ALA B 67 11.25 -32.66 -22.72
C ALA B 67 10.31 -32.94 -21.55
N GLU B 68 10.71 -33.87 -20.68
CA GLU B 68 9.89 -34.36 -19.59
C GLU B 68 10.78 -34.62 -18.38
N TYR B 69 10.34 -34.17 -17.20
CA TYR B 69 11.02 -34.40 -15.94
C TYR B 69 9.95 -34.65 -14.88
N ASP B 70 10.35 -35.22 -13.74
CA ASP B 70 9.43 -35.38 -12.62
C ASP B 70 9.04 -34.01 -12.05
N ILE B 71 10.05 -33.14 -11.87
CA ILE B 71 9.86 -31.87 -11.20
C ILE B 71 10.48 -30.77 -12.07
N VAL B 72 9.66 -29.77 -12.43
CA VAL B 72 10.16 -28.62 -13.15
C VAL B 72 10.23 -27.43 -12.18
N VAL B 73 11.43 -26.87 -12.02
CA VAL B 73 11.68 -25.72 -11.16
C VAL B 73 11.89 -24.49 -12.04
N VAL B 74 11.23 -23.38 -11.66
CA VAL B 74 11.34 -22.14 -12.41
C VAL B 74 12.13 -21.11 -11.59
N GLY B 75 13.35 -20.80 -12.06
CA GLY B 75 14.21 -19.80 -11.44
C GLY B 75 15.41 -20.43 -10.74
N SER B 76 16.55 -19.71 -10.72
CA SER B 76 17.80 -20.28 -10.22
C SER B 76 18.41 -19.44 -9.11
N GLY B 77 17.59 -18.69 -8.38
CA GLY B 77 18.08 -18.10 -7.14
C GLY B 77 18.01 -19.13 -6.01
N CYS B 78 18.03 -18.65 -4.76
CA CYS B 78 17.95 -19.53 -3.60
C CYS B 78 16.71 -20.44 -3.65
N ALA B 79 15.53 -19.87 -3.93
CA ALA B 79 14.30 -20.65 -3.86
C ALA B 79 14.33 -21.82 -4.86
N GLY B 80 14.72 -21.52 -6.10
CA GLY B 80 14.75 -22.54 -7.14
C GLY B 80 15.85 -23.59 -6.90
N LEU B 81 17.11 -23.16 -6.63
CA LEU B 81 18.20 -24.10 -6.46
C LEU B 81 17.91 -25.04 -5.28
N THR B 82 17.48 -24.49 -4.14
CA THR B 82 17.26 -25.35 -2.98
C THR B 82 16.08 -26.28 -3.23
N SER B 83 14.99 -25.75 -3.81
CA SER B 83 13.85 -26.61 -4.15
C SER B 83 14.30 -27.77 -5.05
N ALA B 84 15.15 -27.45 -6.03
CA ALA B 84 15.60 -28.43 -7.01
C ALA B 84 16.45 -29.51 -6.33
N LEU B 85 17.37 -29.10 -5.44
CA LEU B 85 18.26 -30.02 -4.76
C LEU B 85 17.46 -30.95 -3.85
N PHE B 86 16.57 -30.39 -3.03
CA PHE B 86 15.76 -31.21 -2.15
C PHE B 86 14.96 -32.22 -2.96
N SER B 87 14.44 -31.78 -4.11
CA SER B 87 13.61 -32.62 -4.97
C SER B 87 14.44 -33.76 -5.56
N ARG B 88 15.67 -33.42 -5.97
CA ARG B 88 16.54 -34.37 -6.63
C ARG B 88 16.95 -35.46 -5.64
N TRP B 89 17.20 -35.04 -4.39
CA TRP B 89 17.71 -35.96 -3.39
C TRP B 89 16.66 -36.98 -2.99
N HIS B 90 15.39 -36.67 -3.25
CA HIS B 90 14.33 -37.64 -3.05
C HIS B 90 14.28 -38.68 -4.17
N GLY B 91 15.02 -38.45 -5.27
CA GLY B 91 15.04 -39.42 -6.36
C GLY B 91 14.28 -38.96 -7.62
N ASN B 92 13.84 -37.71 -7.67
CA ASN B 92 13.13 -37.26 -8.86
C ASN B 92 14.13 -36.76 -9.90
N SER B 93 13.78 -36.85 -11.20
CA SER B 93 14.49 -36.07 -12.21
C SER B 93 14.00 -34.62 -12.13
N VAL B 94 14.93 -33.67 -12.31
CA VAL B 94 14.63 -32.27 -12.06
C VAL B 94 15.28 -31.43 -13.15
N VAL B 95 14.55 -30.42 -13.65
CA VAL B 95 15.14 -29.38 -14.48
C VAL B 95 14.92 -28.03 -13.80
N VAL B 96 15.91 -27.13 -13.93
CA VAL B 96 15.82 -25.74 -13.50
C VAL B 96 15.83 -24.85 -14.76
N LEU B 97 14.76 -24.07 -14.92
CA LEU B 97 14.55 -23.17 -16.04
C LEU B 97 14.82 -21.73 -15.58
N GLU B 98 15.82 -21.07 -16.19
CA GLU B 98 16.22 -19.72 -15.81
C GLU B 98 15.98 -18.77 -16.99
N LYS B 99 15.26 -17.68 -16.74
CA LYS B 99 14.97 -16.62 -17.71
C LYS B 99 16.25 -15.93 -18.17
N ALA B 100 17.20 -15.64 -17.26
CA ALA B 100 18.41 -14.89 -17.60
C ALA B 100 19.43 -15.81 -18.27
N ALA B 101 20.54 -15.20 -18.74
CA ALA B 101 21.67 -15.93 -19.31
C ALA B 101 22.44 -16.70 -18.22
N ALA B 102 22.54 -16.13 -17.02
CA ALA B 102 23.33 -16.72 -15.95
C ALA B 102 22.44 -17.10 -14.76
N LEU B 103 22.96 -17.98 -13.89
CA LEU B 103 22.17 -18.47 -12.76
C LEU B 103 22.32 -17.48 -11.60
N GLY B 104 21.32 -17.47 -10.72
CA GLY B 104 21.59 -16.92 -9.39
C GLY B 104 20.63 -15.80 -8.97
N GLY B 105 20.05 -15.07 -9.94
CA GLY B 105 19.08 -14.01 -9.67
C GLY B 105 19.55 -13.00 -8.61
N THR B 106 18.65 -12.57 -7.74
CA THR B 106 18.98 -11.57 -6.74
C THR B 106 19.88 -12.21 -5.70
N THR B 107 19.65 -13.50 -5.45
CA THR B 107 20.40 -14.26 -4.45
C THR B 107 21.91 -14.08 -4.67
N PHE B 108 22.30 -14.12 -5.93
CA PHE B 108 23.70 -13.94 -6.32
C PHE B 108 24.31 -12.64 -5.77
N LYS B 109 23.50 -11.57 -5.69
CA LYS B 109 24.03 -10.27 -5.27
C LYS B 109 24.05 -10.15 -3.74
N SER B 110 23.39 -11.08 -3.03
CA SER B 110 23.19 -10.92 -1.60
C SER B 110 24.47 -11.25 -0.81
N ALA B 111 24.45 -10.98 0.49
CA ALA B 111 25.50 -11.41 1.40
C ALA B 111 25.23 -12.85 1.87
N PHE B 112 24.04 -13.36 1.53
CA PHE B 112 23.57 -14.66 1.96
C PHE B 112 23.69 -14.83 3.47
N TRP B 113 23.23 -13.83 4.25
CA TRP B 113 22.86 -14.13 5.62
C TRP B 113 21.58 -14.95 5.57
N TYR B 114 21.46 -15.97 6.42
CA TYR B 114 20.19 -16.68 6.49
C TYR B 114 19.84 -16.96 7.95
N TRP B 115 18.61 -16.58 8.31
CA TRP B 115 18.17 -16.53 9.69
C TRP B 115 17.44 -17.84 10.00
N VAL B 116 18.08 -18.67 10.85
CA VAL B 116 17.67 -20.05 11.11
C VAL B 116 17.39 -20.21 12.60
N PRO B 117 16.12 -20.17 13.03
CA PRO B 117 15.76 -20.32 14.45
C PRO B 117 16.22 -21.68 14.97
N ASN B 118 16.68 -21.72 16.22
CA ASN B 118 17.01 -23.00 16.88
C ASN B 118 18.04 -23.78 16.06
N ASN B 119 19.04 -23.07 15.49
CA ASN B 119 20.02 -23.74 14.64
C ASN B 119 21.02 -24.54 15.49
N VAL B 120 21.83 -25.38 14.83
CA VAL B 120 22.75 -26.26 15.52
C VAL B 120 23.83 -25.50 16.27
N PRO B 121 24.50 -24.47 15.70
CA PRO B 121 25.42 -23.64 16.51
C PRO B 121 24.86 -23.04 17.81
N MET B 122 23.60 -22.59 17.79
CA MET B 122 22.98 -22.05 19.01
C MET B 122 22.83 -23.15 20.06
N ARG B 123 22.34 -24.32 19.62
CA ARG B 123 22.15 -25.43 20.53
C ARG B 123 23.48 -25.92 21.09
N ALA B 124 24.55 -25.86 20.29
CA ALA B 124 25.87 -26.27 20.75
C ALA B 124 26.36 -25.33 21.85
N ALA B 125 25.95 -24.05 21.82
CA ALA B 125 26.33 -23.11 22.86
C ALA B 125 25.45 -23.26 24.10
N GLY B 126 24.52 -24.22 24.09
CA GLY B 126 23.54 -24.40 25.17
C GLY B 126 22.48 -23.30 25.17
N ILE B 127 22.23 -22.68 24.01
CA ILE B 127 21.29 -21.58 23.94
C ILE B 127 19.95 -22.12 23.46
N ALA B 128 18.90 -21.90 24.27
CA ALA B 128 17.55 -22.26 23.89
C ALA B 128 16.98 -21.21 22.92
N ASP B 129 16.13 -21.65 22.01
CA ASP B 129 15.33 -20.77 21.17
C ASP B 129 13.88 -21.22 21.33
N PRO B 130 13.22 -20.91 22.47
CA PRO B 130 11.92 -21.53 22.75
C PRO B 130 10.87 -21.11 21.70
N LYS B 131 10.15 -22.09 21.18
CA LYS B 131 9.24 -21.86 20.08
C LYS B 131 8.15 -20.82 20.42
N PRO B 132 7.47 -20.86 21.59
CA PRO B 132 6.42 -19.87 21.87
C PRO B 132 6.98 -18.45 21.85
N ASP B 133 8.25 -18.27 22.22
CA ASP B 133 8.85 -16.94 22.28
C ASP B 133 9.32 -16.50 20.90
N PHE B 134 9.74 -17.47 20.09
CA PHE B 134 10.05 -17.16 18.70
C PHE B 134 8.80 -16.59 18.04
N LEU B 135 7.66 -17.23 18.29
CA LEU B 135 6.41 -16.81 17.66
C LEU B 135 5.99 -15.44 18.16
N LYS B 136 6.19 -15.16 19.45
CA LYS B 136 5.85 -13.86 20.00
C LYS B 136 6.71 -12.77 19.40
N TYR B 137 8.01 -12.99 19.22
CA TYR B 137 8.87 -12.01 18.57
C TYR B 137 8.34 -11.69 17.18
N VAL B 138 8.11 -12.73 16.35
CA VAL B 138 7.71 -12.45 14.97
C VAL B 138 6.28 -11.88 14.93
N ALA B 139 5.40 -12.33 15.83
CA ALA B 139 4.05 -11.77 15.87
C ALA B 139 4.10 -10.28 16.24
N ARG B 140 4.89 -9.90 17.24
CA ARG B 140 5.01 -8.53 17.71
C ARG B 140 5.55 -7.61 16.62
N VAL B 141 6.50 -8.09 15.82
CA VAL B 141 7.10 -7.26 14.79
C VAL B 141 6.20 -7.20 13.55
N THR B 142 5.48 -8.29 13.25
CA THR B 142 4.77 -8.42 11.99
C THR B 142 3.41 -7.74 12.03
N ARG B 143 2.66 -7.93 13.13
CA ARG B 143 1.31 -7.38 13.22
C ARG B 143 1.18 -6.57 14.51
N PRO B 144 1.90 -5.43 14.61
CA PRO B 144 1.95 -4.66 15.86
C PRO B 144 0.58 -4.24 16.40
N GLN B 145 -0.37 -3.93 15.53
CA GLN B 145 -1.66 -3.44 15.98
C GLN B 145 -2.38 -4.55 16.76
N PHE B 146 -2.19 -5.80 16.32
CA PHE B 146 -3.04 -6.88 16.79
C PHE B 146 -2.29 -7.82 17.74
N TYR B 147 -0.96 -7.63 17.87
CA TYR B 147 -0.15 -8.51 18.69
C TYR B 147 -0.74 -8.59 20.09
N ASP B 148 -0.94 -9.82 20.57
CA ASP B 148 -1.48 -10.01 21.90
C ASP B 148 -0.98 -11.34 22.44
N PRO B 149 -0.13 -11.38 23.51
CA PRO B 149 0.43 -12.64 23.99
C PRO B 149 -0.64 -13.58 24.54
N GLU B 150 -1.86 -13.07 24.79
CA GLU B 150 -2.92 -13.89 25.39
C GLU B 150 -3.86 -14.45 24.33
N HIS B 151 -3.73 -13.99 23.09
CA HIS B 151 -4.60 -14.43 22.02
C HIS B 151 -4.14 -15.80 21.54
N PRO B 152 -5.04 -16.75 21.18
CA PRO B 152 -4.63 -18.10 20.78
C PRO B 152 -3.65 -18.19 19.61
N THR B 153 -3.65 -17.20 18.70
CA THR B 153 -2.60 -17.18 17.68
C THR B 153 -1.80 -15.87 17.75
N LEU B 154 -1.70 -15.30 18.95
CA LEU B 154 -0.88 -14.11 19.24
C LEU B 154 -1.35 -12.90 18.44
N GLY B 155 -2.54 -13.00 17.87
CA GLY B 155 -3.11 -11.87 17.13
C GLY B 155 -2.90 -12.04 15.63
N LEU B 156 -2.14 -13.06 15.24
CA LEU B 156 -1.97 -13.37 13.82
C LEU B 156 -3.22 -14.09 13.32
N THR B 157 -3.44 -14.13 11.98
CA THR B 157 -4.45 -15.04 11.44
C THR B 157 -3.89 -16.45 11.57
N GLN B 158 -4.75 -17.46 11.41
CA GLN B 158 -4.32 -18.86 11.50
C GLN B 158 -3.20 -19.12 10.49
N TRP B 159 -3.38 -18.60 9.27
CA TRP B 159 -2.41 -18.77 8.20
C TRP B 159 -1.06 -18.16 8.57
N GLU B 160 -1.04 -16.90 9.00
CA GLU B 160 0.23 -16.28 9.38
C GLU B 160 0.94 -17.07 10.47
N TYR B 161 0.20 -17.48 11.50
CA TYR B 161 0.72 -18.25 12.61
C TYR B 161 1.32 -19.58 12.11
N ASP B 162 0.57 -20.30 11.28
CA ASP B 162 1.00 -21.60 10.74
C ASP B 162 2.27 -21.44 9.89
N MET B 163 2.36 -20.35 9.11
CA MET B 163 3.54 -20.12 8.28
C MET B 163 4.77 -19.84 9.15
N CYS B 164 4.60 -19.00 10.20
CA CYS B 164 5.73 -18.68 11.08
C CYS B 164 6.19 -19.92 11.84
N GLU B 165 5.22 -20.75 12.26
CA GLU B 165 5.56 -22.01 12.90
C GLU B 165 6.37 -22.94 11.98
N ALA B 166 6.00 -22.99 10.69
CA ALA B 166 6.67 -23.84 9.72
C ALA B 166 8.12 -23.39 9.56
N ILE B 167 8.33 -22.07 9.56
CA ILE B 167 9.69 -21.52 9.52
C ILE B 167 10.48 -22.06 10.71
N TYR B 168 9.92 -21.97 11.91
CA TYR B 168 10.65 -22.43 13.08
C TYR B 168 10.92 -23.93 12.94
N ASP B 169 9.92 -24.70 12.51
CA ASP B 169 10.03 -26.16 12.50
C ASP B 169 11.03 -26.63 11.45
N SER B 170 11.13 -25.94 10.30
CA SER B 170 11.76 -26.52 9.13
C SER B 170 13.07 -25.84 8.71
N ALA B 171 13.34 -24.61 9.17
CA ALA B 171 14.54 -23.93 8.70
C ALA B 171 15.82 -24.69 9.08
N SER B 172 15.93 -25.14 10.34
CA SER B 172 17.15 -25.81 10.78
C SER B 172 17.36 -27.14 10.05
N PRO B 173 16.37 -28.08 10.00
CA PRO B 173 16.57 -29.31 9.23
C PRO B 173 16.95 -29.05 7.77
N ALA B 174 16.34 -28.02 7.16
CA ALA B 174 16.65 -27.69 5.78
C ALA B 174 18.11 -27.27 5.67
N ALA B 175 18.55 -26.37 6.57
CA ALA B 175 19.92 -25.88 6.54
C ALA B 175 20.90 -27.04 6.77
N GLU B 176 20.53 -27.97 7.68
CA GLU B 176 21.41 -29.07 8.04
C GLU B 176 21.60 -30.00 6.84
N LEU B 177 20.51 -30.33 6.15
CA LEU B 177 20.61 -31.22 5.01
C LEU B 177 21.43 -30.60 3.87
N LEU B 178 21.20 -29.31 3.57
CA LEU B 178 21.99 -28.64 2.53
C LEU B 178 23.49 -28.70 2.86
N ALA B 179 23.84 -28.57 4.14
CA ALA B 179 25.24 -28.58 4.55
C ALA B 179 25.77 -30.02 4.50
N GLN B 180 24.98 -30.98 4.97
CA GLN B 180 25.36 -32.40 4.99
C GLN B 180 25.74 -32.86 3.57
N LYS B 181 24.94 -32.45 2.58
CA LYS B 181 25.14 -32.85 1.18
C LYS B 181 26.22 -32.04 0.48
N GLY B 182 26.81 -31.07 1.19
CA GLY B 182 27.87 -30.26 0.61
C GLY B 182 27.36 -29.15 -0.31
N ALA B 183 26.04 -28.93 -0.37
CA ALA B 183 25.44 -27.92 -1.24
C ALA B 183 25.54 -26.52 -0.64
N LEU B 184 25.40 -26.39 0.70
CA LEU B 184 25.47 -25.09 1.35
C LEU B 184 26.17 -25.24 2.71
N PRO B 185 27.49 -25.48 2.73
CA PRO B 185 28.23 -25.46 3.99
C PRO B 185 28.17 -24.05 4.57
N TYR B 186 28.09 -23.94 5.91
CA TYR B 186 27.90 -22.64 6.53
C TYR B 186 28.91 -22.43 7.65
N ARG B 187 29.01 -21.18 8.10
CA ARG B 187 29.60 -20.88 9.40
C ARG B 187 28.60 -20.05 10.17
N HIS B 188 28.74 -20.05 11.50
CA HIS B 188 27.87 -19.27 12.38
C HIS B 188 28.23 -17.79 12.29
N VAL B 189 27.23 -16.91 12.43
CA VAL B 189 27.46 -15.47 12.58
C VAL B 189 26.95 -15.07 13.96
N PRO B 190 27.68 -15.47 15.04
CA PRO B 190 27.14 -15.33 16.39
C PRO B 190 26.78 -13.91 16.79
N PHE B 191 27.44 -12.89 16.20
CA PHE B 191 27.26 -11.53 16.71
C PHE B 191 26.21 -10.76 15.92
N ALA B 192 25.57 -11.39 14.93
CA ALA B 192 24.49 -10.68 14.23
C ALA B 192 23.23 -10.67 15.10
N THR B 193 22.91 -9.53 15.75
CA THR B 193 21.73 -9.41 16.59
C THR B 193 20.49 -9.14 15.73
N ASP B 194 19.33 -9.64 16.16
CA ASP B 194 18.06 -9.44 15.46
C ASP B 194 17.84 -7.92 15.34
N TYR B 195 17.07 -7.49 14.33
CA TYR B 195 16.90 -6.06 14.07
C TYR B 195 16.14 -5.35 15.19
N PHE B 196 15.26 -6.10 15.90
CA PHE B 196 14.52 -5.54 17.02
C PHE B 196 14.83 -6.29 18.30
N SER B 197 16.09 -6.62 18.52
CA SER B 197 16.51 -7.46 19.64
C SER B 197 16.16 -6.81 20.97
N GLU B 198 16.03 -5.48 21.04
CA GLU B 198 15.68 -4.84 22.31
C GLU B 198 14.27 -5.19 22.77
N LEU B 199 13.38 -5.64 21.87
CA LEU B 199 12.03 -6.00 22.31
C LEU B 199 12.12 -7.15 23.32
N PRO B 200 11.38 -7.09 24.45
CA PRO B 200 11.41 -8.15 25.45
C PRO B 200 10.90 -9.50 24.92
N GLU B 201 10.08 -9.49 23.85
CA GLU B 201 9.57 -10.71 23.25
C GLU B 201 10.70 -11.56 22.68
N ASP B 202 11.82 -10.92 22.29
CA ASP B 202 12.91 -11.66 21.67
C ASP B 202 13.73 -12.35 22.76
N LYS B 203 13.67 -13.69 22.80
CA LYS B 203 14.37 -14.44 23.84
C LYS B 203 15.64 -15.10 23.31
N ALA B 204 15.95 -14.90 22.02
CA ALA B 204 17.22 -15.35 21.47
C ALA B 204 17.75 -14.28 20.52
N LYS B 205 18.29 -13.24 21.14
CA LYS B 205 18.50 -11.95 20.49
C LYS B 205 19.62 -11.99 19.46
N SER B 206 20.59 -12.92 19.64
N SER B 206 20.54 -12.96 19.61
CA SER B 206 21.64 -13.14 18.67
CA SER B 206 21.68 -13.13 18.71
C SER B 206 21.82 -14.65 18.51
C SER B 206 21.97 -14.63 18.59
N GLY B 207 22.48 -15.07 17.43
CA GLY B 207 22.78 -16.48 17.24
C GLY B 207 22.05 -17.14 16.07
N ARG B 208 20.95 -16.55 15.57
CA ARG B 208 20.14 -17.24 14.59
C ARG B 208 20.73 -17.20 13.19
N VAL B 209 21.69 -16.31 12.92
CA VAL B 209 22.22 -16.12 11.57
C VAL B 209 23.35 -17.10 11.23
N LEU B 210 23.21 -17.73 10.04
CA LEU B 210 24.26 -18.49 9.39
C LEU B 210 24.65 -17.78 8.10
N THR B 211 25.82 -18.13 7.55
CA THR B 211 26.24 -17.60 6.25
C THR B 211 27.16 -18.64 5.59
N PRO B 212 27.37 -18.61 4.25
CA PRO B 212 28.23 -19.58 3.57
C PRO B 212 29.61 -19.66 4.20
N LYS B 213 30.08 -20.90 4.41
CA LYS B 213 31.32 -21.10 5.13
C LYS B 213 32.48 -20.32 4.47
N ASP B 214 32.54 -20.31 3.14
CA ASP B 214 33.69 -19.68 2.49
C ASP B 214 33.42 -18.23 2.10
N GLY B 215 32.34 -17.61 2.62
CA GLY B 215 32.12 -16.19 2.35
C GLY B 215 33.31 -15.36 2.86
N SER B 216 33.55 -14.19 2.26
CA SER B 216 34.65 -13.33 2.66
C SER B 216 34.42 -12.83 4.10
N PRO B 217 35.43 -12.23 4.78
CA PRO B 217 35.21 -11.63 6.10
C PRO B 217 34.11 -10.57 6.18
N SER B 218 33.96 -9.72 5.16
CA SER B 218 32.86 -8.75 5.13
C SER B 218 31.50 -9.44 4.92
N MET B 219 31.54 -10.65 4.33
CA MET B 219 30.40 -11.48 3.96
C MET B 219 29.71 -10.96 2.70
N ALA B 220 30.28 -9.93 2.06
CA ALA B 220 29.58 -9.26 0.96
C ALA B 220 29.41 -10.18 -0.25
N ASN B 221 30.33 -11.16 -0.43
CA ASN B 221 30.23 -12.07 -1.55
C ASN B 221 29.50 -13.38 -1.17
N GLY B 222 28.78 -13.43 -0.05
CA GLY B 222 28.14 -14.65 0.40
C GLY B 222 27.18 -15.25 -0.66
N GLY B 223 26.44 -14.38 -1.36
CA GLY B 223 25.51 -14.82 -2.39
C GLY B 223 26.22 -15.51 -3.55
N GLN B 224 27.39 -15.01 -3.94
CA GLN B 224 28.14 -15.63 -5.02
C GLN B 224 28.65 -17.00 -4.58
N VAL B 225 29.14 -17.09 -3.35
CA VAL B 225 29.60 -18.33 -2.76
C VAL B 225 28.43 -19.33 -2.71
N ALA B 226 27.26 -18.90 -2.19
CA ALA B 226 26.12 -19.80 -2.07
C ALA B 226 25.69 -20.32 -3.44
N ILE B 227 25.57 -19.43 -4.42
CA ILE B 227 25.16 -19.86 -5.76
C ILE B 227 26.18 -20.84 -6.31
N ARG B 228 27.46 -20.59 -6.06
CA ARG B 228 28.48 -21.54 -6.50
C ARG B 228 28.29 -22.90 -5.84
N THR B 229 28.26 -22.95 -4.49
CA THR B 229 28.18 -24.25 -3.83
C THR B 229 26.87 -24.96 -4.19
N LEU B 230 25.74 -24.23 -4.30
CA LEU B 230 24.45 -24.83 -4.55
C LEU B 230 24.41 -25.37 -5.98
N SER B 231 24.87 -24.56 -6.94
CA SER B 231 24.79 -24.97 -8.34
C SER B 231 25.82 -26.07 -8.67
N THR B 232 26.97 -26.05 -7.99
CA THR B 232 27.97 -27.11 -8.15
C THR B 232 27.37 -28.44 -7.68
N ALA B 233 26.69 -28.42 -6.53
CA ALA B 233 26.07 -29.64 -6.02
C ALA B 233 24.96 -30.10 -6.95
N ALA B 234 24.21 -29.16 -7.54
CA ALA B 234 23.09 -29.50 -8.40
C ALA B 234 23.59 -30.24 -9.65
N ARG B 235 24.66 -29.73 -10.28
N ARG B 235 24.69 -29.71 -10.23
CA ARG B 235 25.21 -30.38 -11.46
CA ARG B 235 25.36 -30.25 -11.40
C ARG B 235 25.82 -31.74 -11.07
C ARG B 235 25.83 -31.67 -11.08
N ARG B 236 26.55 -31.79 -9.95
CA ARG B 236 27.11 -33.03 -9.43
C ARG B 236 26.01 -34.09 -9.31
N ASP B 237 24.81 -33.70 -8.82
CA ASP B 237 23.77 -34.66 -8.53
C ASP B 237 22.81 -34.89 -9.69
N GLY B 238 23.11 -34.30 -10.86
CA GLY B 238 22.37 -34.64 -12.09
C GLY B 238 21.13 -33.77 -12.33
N ILE B 239 21.04 -32.58 -11.71
CA ILE B 239 19.94 -31.68 -12.05
C ILE B 239 20.27 -31.01 -13.39
N ALA B 240 19.28 -30.92 -14.28
CA ALA B 240 19.45 -30.26 -15.58
C ALA B 240 19.16 -28.76 -15.49
N PHE B 241 19.88 -27.96 -16.29
CA PHE B 241 19.74 -26.51 -16.31
C PHE B 241 19.48 -26.03 -17.74
N LYS B 242 18.50 -25.12 -17.90
CA LYS B 242 18.28 -24.45 -19.16
C LYS B 242 18.15 -22.93 -18.91
N THR B 243 19.10 -22.17 -19.46
CA THR B 243 19.08 -20.72 -19.35
C THR B 243 18.38 -20.14 -20.58
N GLY B 244 18.03 -18.84 -20.55
CA GLY B 244 17.31 -18.20 -21.64
C GLY B 244 15.96 -18.85 -21.91
N HIS B 245 15.35 -19.38 -20.83
CA HIS B 245 14.03 -19.98 -20.88
C HIS B 245 13.09 -19.17 -19.99
N ARG B 246 12.26 -18.33 -20.61
CA ARG B 246 11.33 -17.53 -19.84
C ARG B 246 10.01 -18.27 -19.73
N VAL B 247 9.71 -18.84 -18.55
CA VAL B 247 8.43 -19.52 -18.39
C VAL B 247 7.31 -18.49 -18.56
N GLN B 248 6.26 -18.85 -19.33
CA GLN B 248 5.20 -17.90 -19.57
C GLN B 248 3.81 -18.53 -19.43
N ARG B 249 3.73 -19.85 -19.23
CA ARG B 249 2.42 -20.44 -19.04
C ARG B 249 2.56 -21.74 -18.24
N VAL B 250 1.53 -22.04 -17.44
CA VAL B 250 1.42 -23.35 -16.81
C VAL B 250 0.43 -24.18 -17.63
N ILE B 251 0.82 -25.39 -18.06
CA ILE B 251 -0.13 -26.22 -18.80
C ILE B 251 -0.92 -27.09 -17.82
N LEU B 252 -2.24 -27.10 -17.97
CA LEU B 252 -3.15 -27.91 -17.16
C LEU B 252 -3.69 -29.10 -17.97
N ASN B 253 -3.99 -30.20 -17.29
CA ASN B 253 -4.78 -31.28 -17.87
C ASN B 253 -6.26 -30.93 -17.71
N SER B 254 -7.16 -31.81 -18.18
CA SER B 254 -8.59 -31.57 -18.16
C SER B 254 -9.14 -31.60 -16.74
N LYS B 255 -8.36 -32.14 -15.79
CA LYS B 255 -8.75 -32.14 -14.40
C LYS B 255 -8.28 -30.86 -13.69
N GLY B 256 -7.59 -29.96 -14.43
CA GLY B 256 -7.10 -28.71 -13.90
C GLY B 256 -5.82 -28.85 -13.08
N GLU B 257 -5.02 -29.89 -13.35
CA GLU B 257 -3.77 -30.12 -12.64
C GLU B 257 -2.62 -29.62 -13.49
N ALA B 258 -1.57 -29.09 -12.86
CA ALA B 258 -0.40 -28.62 -13.59
C ALA B 258 0.39 -29.82 -14.11
N ILE B 259 0.64 -29.88 -15.43
CA ILE B 259 1.36 -30.98 -16.04
C ILE B 259 2.61 -30.50 -16.77
N GLY B 260 2.86 -29.18 -16.74
CA GLY B 260 4.11 -28.65 -17.28
C GLY B 260 4.01 -27.16 -17.61
N ILE B 261 4.97 -26.69 -18.39
CA ILE B 261 5.09 -25.25 -18.64
C ILE B 261 5.31 -25.05 -20.13
N GLU B 262 5.08 -23.80 -20.56
CA GLU B 262 5.55 -23.29 -21.82
C GLU B 262 6.58 -22.20 -21.51
N ALA B 263 7.74 -22.24 -22.20
CA ALA B 263 8.80 -21.24 -22.03
C ALA B 263 9.17 -20.60 -23.36
N LEU B 264 9.40 -19.29 -23.33
CA LEU B 264 9.90 -18.54 -24.48
C LEU B 264 11.43 -18.56 -24.46
N LYS B 265 12.03 -19.00 -25.57
CA LYS B 265 13.48 -19.03 -25.73
C LYS B 265 13.96 -17.74 -26.38
N ASP B 266 15.28 -17.54 -26.40
CA ASP B 266 15.89 -16.30 -26.87
C ASP B 266 15.57 -16.05 -28.34
N ASP B 267 15.55 -17.11 -29.15
CA ASP B 267 15.27 -17.00 -30.58
C ASP B 267 13.77 -16.85 -30.84
N ASN B 268 12.98 -16.75 -29.77
CA ASN B 268 11.54 -16.48 -29.86
C ASN B 268 10.72 -17.74 -30.14
N SER B 269 11.39 -18.90 -30.23
CA SER B 269 10.66 -20.16 -30.21
C SER B 269 10.07 -20.42 -28.81
N VAL B 270 8.98 -21.18 -28.80
CA VAL B 270 8.33 -21.62 -27.57
C VAL B 270 8.57 -23.13 -27.41
N VAL B 271 8.85 -23.57 -26.18
CA VAL B 271 9.01 -24.98 -25.88
C VAL B 271 8.05 -25.38 -24.76
N ARG B 272 7.53 -26.61 -24.86
N ARG B 272 7.59 -26.64 -24.80
CA ARG B 272 6.71 -27.22 -23.84
CA ARG B 272 6.68 -27.18 -23.81
C ARG B 272 7.56 -28.25 -23.11
C ARG B 272 7.33 -28.36 -23.09
N ILE B 273 7.50 -28.20 -21.77
CA ILE B 273 8.25 -29.13 -20.94
C ILE B 273 7.30 -29.74 -19.91
N ARG B 274 7.30 -31.08 -19.85
CA ARG B 274 6.33 -31.78 -19.02
C ARG B 274 6.89 -31.94 -17.62
N ALA B 275 6.01 -31.82 -16.62
CA ALA B 275 6.33 -32.11 -15.25
C ALA B 275 5.44 -33.26 -14.80
N ARG B 276 6.05 -34.42 -14.48
CA ARG B 276 5.27 -35.58 -14.11
C ARG B 276 4.61 -35.37 -12.75
N LYS B 277 5.29 -34.65 -11.82
CA LYS B 277 4.78 -34.55 -10.45
C LYS B 277 4.45 -33.11 -10.03
N ALA B 278 5.31 -32.14 -10.35
CA ALA B 278 5.11 -30.77 -9.88
C ALA B 278 5.93 -29.78 -10.70
N VAL B 279 5.34 -28.58 -10.77
CA VAL B 279 6.01 -27.37 -11.18
C VAL B 279 6.22 -26.51 -9.92
N ILE B 280 7.47 -26.16 -9.62
CA ILE B 280 7.76 -25.37 -8.43
C ILE B 280 8.30 -24.03 -8.91
N PHE B 281 7.54 -22.95 -8.66
CA PHE B 281 8.06 -21.62 -9.00
C PHE B 281 8.97 -21.08 -7.90
N GLY B 282 10.13 -20.59 -8.34
CA GLY B 282 10.99 -19.75 -7.51
C GLY B 282 11.49 -18.56 -8.32
N SER B 283 10.54 -17.81 -8.89
CA SER B 283 10.82 -16.87 -9.96
C SER B 283 11.02 -15.43 -9.44
N GLY B 284 11.10 -15.23 -8.12
CA GLY B 284 11.41 -13.91 -7.58
C GLY B 284 10.21 -12.94 -7.67
N GLY B 285 10.46 -11.64 -7.40
CA GLY B 285 9.36 -10.71 -7.23
C GLY B 285 9.08 -9.88 -8.47
N PHE B 286 8.49 -8.68 -8.28
CA PHE B 286 8.06 -7.88 -9.43
C PHE B 286 8.62 -6.45 -9.34
N THR B 287 9.75 -6.26 -8.65
CA THR B 287 10.32 -4.93 -8.52
C THR B 287 10.46 -4.26 -9.90
N HIS B 288 10.85 -5.04 -10.90
CA HIS B 288 11.24 -4.44 -12.17
C HIS B 288 10.14 -4.53 -13.22
N ASP B 289 8.89 -4.75 -12.80
CA ASP B 289 7.74 -4.37 -13.61
C ASP B 289 7.14 -3.08 -13.02
N PRO B 290 7.42 -1.90 -13.61
CA PRO B 290 7.04 -0.64 -12.98
C PRO B 290 5.52 -0.50 -12.82
N GLU B 291 4.73 -1.08 -13.75
CA GLU B 291 3.29 -1.01 -13.62
C GLU B 291 2.81 -1.80 -12.41
N LEU B 292 3.28 -3.05 -12.25
CA LEU B 292 2.86 -3.86 -11.10
C LEU B 292 3.36 -3.18 -9.82
N ARG B 293 4.62 -2.78 -9.81
CA ARG B 293 5.21 -2.15 -8.64
C ARG B 293 4.36 -0.96 -8.15
N SER B 294 4.03 -0.06 -9.07
N SER B 294 3.98 -0.08 -9.08
CA SER B 294 3.33 1.17 -8.72
CA SER B 294 3.31 1.16 -8.73
C SER B 294 1.87 0.89 -8.31
C SER B 294 1.86 0.91 -8.33
N ASN B 295 1.27 -0.16 -8.88
CA ASN B 295 -0.13 -0.47 -8.64
C ASN B 295 -0.36 -1.30 -7.38
N PHE B 296 0.69 -1.96 -6.86
CA PHE B 296 0.49 -2.84 -5.72
C PHE B 296 1.17 -2.36 -4.43
N LEU B 297 2.42 -1.86 -4.50
CA LEU B 297 3.19 -1.64 -3.27
C LEU B 297 2.60 -0.49 -2.44
N ASN B 298 2.80 -0.54 -1.12
CA ASN B 298 2.28 0.50 -0.23
C ASN B 298 3.05 1.82 -0.36
N VAL B 299 4.22 1.82 -1.02
CA VAL B 299 5.00 3.05 -1.21
C VAL B 299 5.46 3.17 -2.65
N PRO B 300 5.54 4.40 -3.24
CA PRO B 300 5.96 4.57 -4.64
C PRO B 300 7.46 4.53 -4.90
N VAL B 301 8.09 3.35 -4.68
CA VAL B 301 9.54 3.20 -4.80
C VAL B 301 10.01 3.40 -6.24
N TYR B 302 11.31 3.69 -6.39
CA TYR B 302 11.92 3.99 -7.68
C TYR B 302 12.61 2.79 -8.29
N GLY B 303 12.66 1.66 -7.57
CA GLY B 303 13.40 0.52 -8.09
C GLY B 303 13.91 -0.35 -6.96
N GLY B 304 14.99 -1.08 -7.20
CA GLY B 304 15.52 -1.90 -6.12
C GLY B 304 16.63 -2.81 -6.64
N CYS B 305 17.27 -3.55 -5.73
CA CYS B 305 18.47 -4.30 -6.09
C CYS B 305 18.14 -5.70 -6.64
N ALA B 306 16.84 -6.06 -6.69
CA ALA B 306 16.36 -7.27 -7.37
C ALA B 306 17.00 -7.36 -8.74
N ALA B 307 17.26 -8.60 -9.19
CA ALA B 307 17.68 -8.86 -10.56
C ALA B 307 16.67 -8.29 -11.54
N PHE B 308 17.15 -7.72 -12.65
CA PHE B 308 16.27 -7.00 -13.57
C PHE B 308 15.27 -7.92 -14.26
N THR B 309 15.51 -9.23 -14.23
CA THR B 309 14.60 -10.18 -14.84
C THR B 309 13.41 -10.49 -13.92
N ASN B 310 13.40 -9.90 -12.71
CA ASN B 310 12.28 -10.11 -11.81
C ASN B 310 11.18 -9.11 -12.13
N GLU B 311 10.25 -9.54 -13.00
CA GLU B 311 9.25 -8.68 -13.59
C GLU B 311 7.85 -9.17 -13.26
N GLY B 312 7.71 -10.06 -12.26
CA GLY B 312 6.39 -10.52 -11.88
C GLY B 312 5.69 -11.42 -12.90
N ASP B 313 6.46 -12.22 -13.67
CA ASP B 313 5.87 -13.16 -14.62
C ASP B 313 4.81 -14.06 -13.95
N LEU B 314 5.06 -14.50 -12.70
CA LEU B 314 4.10 -15.41 -12.07
C LEU B 314 2.74 -14.74 -11.89
N VAL B 315 2.71 -13.41 -11.68
CA VAL B 315 1.44 -12.70 -11.54
C VAL B 315 0.60 -12.86 -12.82
N ARG B 316 1.24 -12.73 -13.98
CA ARG B 316 0.57 -12.93 -15.27
C ARG B 316 0.24 -14.41 -15.49
N ILE B 317 1.19 -15.29 -15.17
CA ILE B 317 1.00 -16.72 -15.34
C ILE B 317 -0.22 -17.20 -14.55
N THR B 318 -0.48 -16.66 -13.36
CA THR B 318 -1.57 -17.17 -12.54
C THR B 318 -2.88 -16.40 -12.70
N SER B 319 -2.92 -15.43 -13.61
N SER B 319 -2.91 -15.43 -13.61
CA SER B 319 -4.07 -14.53 -13.67
CA SER B 319 -4.04 -14.53 -13.73
C SER B 319 -5.34 -15.26 -14.12
C SER B 319 -5.33 -15.27 -14.12
N SER B 320 -5.19 -16.42 -14.79
CA SER B 320 -6.38 -17.18 -15.17
C SER B 320 -6.52 -18.46 -14.36
N LEU B 321 -5.69 -18.64 -13.34
CA LEU B 321 -5.67 -19.91 -12.62
C LEU B 321 -6.48 -19.88 -11.34
N GLY B 322 -7.05 -18.73 -10.97
CA GLY B 322 -7.89 -18.63 -9.80
C GLY B 322 -7.08 -18.62 -8.48
N VAL B 323 -5.93 -17.94 -8.43
CA VAL B 323 -5.14 -17.88 -7.19
C VAL B 323 -5.63 -16.76 -6.29
N GLN B 324 -5.06 -16.66 -5.09
CA GLN B 324 -5.29 -15.55 -4.18
C GLN B 324 -3.98 -14.75 -4.09
N LEU B 325 -3.93 -13.56 -4.69
CA LEU B 325 -2.72 -12.73 -4.57
C LEU B 325 -2.71 -12.13 -3.16
N ARG B 326 -1.62 -12.36 -2.41
CA ARG B 326 -1.59 -11.93 -1.01
C ARG B 326 -0.26 -11.23 -0.73
N ASN B 327 -0.28 -10.36 0.30
CA ASN B 327 0.85 -9.52 0.66
C ASN B 327 1.37 -8.69 -0.51
N MET B 328 0.48 -8.37 -1.48
CA MET B 328 0.92 -7.64 -2.67
C MET B 328 1.32 -6.20 -2.32
N ASN B 329 0.87 -5.72 -1.16
CA ASN B 329 1.12 -4.33 -0.75
C ASN B 329 2.52 -4.17 -0.14
N HIS B 330 3.27 -5.28 0.06
CA HIS B 330 4.55 -5.13 0.75
C HIS B 330 5.76 -5.62 -0.04
N ALA B 331 6.86 -4.89 0.16
CA ALA B 331 8.17 -5.32 -0.31
C ALA B 331 9.15 -5.34 0.86
N TRP B 332 10.29 -6.02 0.66
CA TRP B 332 11.47 -5.78 1.49
C TRP B 332 12.03 -4.42 1.09
N LEU B 333 12.00 -3.43 1.99
CA LEU B 333 12.31 -2.06 1.59
C LEU B 333 13.73 -1.70 2.00
N CYS B 334 14.32 -0.72 1.30
CA CYS B 334 15.60 -0.16 1.72
C CYS B 334 15.81 1.17 0.99
N PRO B 335 16.54 2.13 1.58
CA PRO B 335 16.98 3.32 0.82
C PRO B 335 17.88 2.81 -0.29
N VAL B 336 18.04 3.61 -1.36
CA VAL B 336 18.98 3.31 -2.43
C VAL B 336 19.69 4.61 -2.84
N THR B 337 20.88 4.46 -3.45
CA THR B 337 21.50 5.57 -4.14
C THR B 337 20.61 5.94 -5.32
N PHE B 338 19.91 7.08 -5.24
CA PHE B 338 18.80 7.39 -6.12
C PHE B 338 19.24 7.33 -7.59
N GLU B 339 20.43 7.84 -7.89
CA GLU B 339 20.81 7.92 -9.30
C GLU B 339 21.06 6.54 -9.90
N LYS B 340 21.48 5.59 -9.05
CA LYS B 340 21.71 4.23 -9.52
C LYS B 340 20.38 3.48 -9.74
N ALA B 341 19.35 3.83 -8.96
CA ALA B 341 18.03 3.26 -9.20
C ALA B 341 17.48 3.78 -10.53
N ILE B 342 17.49 5.11 -10.71
CA ILE B 342 16.92 5.71 -11.91
C ILE B 342 17.68 5.19 -13.13
N GLY B 343 19.02 5.10 -13.02
CA GLY B 343 19.85 4.72 -14.14
C GLY B 343 19.96 3.21 -14.33
N ARG B 344 19.26 2.41 -13.52
CA ARG B 344 19.29 0.95 -13.65
C ARG B 344 20.72 0.39 -13.65
N ASP B 345 21.47 0.75 -12.62
CA ASP B 345 22.77 0.16 -12.39
C ASP B 345 22.56 -1.25 -11.83
N GLY B 346 22.91 -2.28 -12.61
CA GLY B 346 22.62 -3.65 -12.23
C GLY B 346 23.47 -4.15 -11.06
N SER B 347 24.57 -3.45 -10.79
CA SER B 347 25.43 -3.81 -9.68
C SER B 347 24.93 -3.20 -8.36
N MET B 348 23.92 -2.33 -8.41
CA MET B 348 23.46 -1.58 -7.24
C MET B 348 23.04 -2.54 -6.13
N SER B 349 23.37 -2.18 -4.88
CA SER B 349 22.85 -2.83 -3.70
C SER B 349 21.93 -1.85 -2.97
N GLY B 350 20.96 -2.38 -2.21
CA GLY B 350 20.22 -1.51 -1.31
C GLY B 350 21.18 -0.93 -0.26
N MET B 351 20.84 0.25 0.28
CA MET B 351 21.74 0.90 1.22
C MET B 351 21.51 0.34 2.62
N PHE B 352 22.08 -0.85 2.89
CA PHE B 352 21.89 -1.54 4.16
C PHE B 352 22.71 -0.85 5.25
N SER B 353 23.88 -0.35 4.84
CA SER B 353 24.76 0.39 5.73
C SER B 353 24.90 1.79 5.17
N VAL B 354 24.39 2.78 5.90
CA VAL B 354 24.55 4.16 5.47
C VAL B 354 25.90 4.65 5.98
N ALA B 355 26.84 4.89 5.06
CA ALA B 355 28.24 5.08 5.44
C ALA B 355 28.50 6.46 6.01
N GLY B 356 29.45 6.54 6.95
CA GLY B 356 29.96 7.80 7.49
C GLY B 356 29.47 8.06 8.91
N ASP B 357 30.39 8.51 9.77
CA ASP B 357 29.99 9.02 11.08
C ASP B 357 29.94 10.55 11.07
N SER B 358 30.85 11.19 10.32
CA SER B 358 30.76 12.63 10.07
C SER B 358 29.96 12.87 8.79
N MET B 359 28.64 12.66 8.89
CA MET B 359 27.71 12.53 7.79
C MET B 359 26.31 12.70 8.35
N ILE B 360 25.47 13.45 7.63
CA ILE B 360 24.07 13.56 8.01
C ILE B 360 23.21 13.42 6.76
N PHE B 361 21.92 13.10 6.96
CA PHE B 361 20.93 13.27 5.90
C PHE B 361 20.17 14.56 6.16
N VAL B 362 19.92 15.36 5.12
CA VAL B 362 19.02 16.50 5.26
C VAL B 362 17.95 16.41 4.16
N ASP B 363 16.81 17.04 4.45
CA ASP B 363 15.77 17.19 3.46
C ASP B 363 16.06 18.42 2.62
N LYS B 364 15.14 18.76 1.70
CA LYS B 364 15.31 19.89 0.79
C LYS B 364 15.28 21.23 1.54
N ARG B 365 14.93 21.24 2.83
CA ARG B 365 15.00 22.46 3.64
C ARG B 365 16.35 22.58 4.35
N GLY B 366 17.17 21.52 4.25
CA GLY B 366 18.49 21.52 4.89
C GLY B 366 18.43 21.17 6.38
N LYS B 367 17.40 20.41 6.77
CA LYS B 367 17.23 19.96 8.15
C LYS B 367 17.27 18.43 8.20
N ARG B 368 17.81 17.90 9.29
CA ARG B 368 17.72 16.47 9.59
C ARG B 368 16.26 16.11 9.86
N VAL B 369 15.85 14.90 9.44
CA VAL B 369 14.46 14.49 9.61
C VAL B 369 14.38 13.07 10.16
N VAL B 370 15.54 12.39 10.26
CA VAL B 370 15.51 10.98 10.63
C VAL B 370 16.89 10.56 11.14
N ASN B 371 16.87 9.51 11.95
CA ASN B 371 18.06 8.78 12.34
C ASN B 371 18.63 8.07 11.12
N GLU B 372 19.80 8.51 10.63
CA GLU B 372 20.36 7.99 9.39
C GLU B 372 20.82 6.54 9.53
N LYS B 373 20.93 6.04 10.77
CA LYS B 373 21.44 4.69 11.00
C LYS B 373 20.29 3.72 11.30
N LEU B 374 19.04 4.17 11.13
CA LEU B 374 17.87 3.34 11.43
C LEU B 374 17.81 2.15 10.44
N ASN B 375 17.30 1.00 10.90
CA ASN B 375 17.14 -0.22 10.08
C ASN B 375 16.57 0.15 8.72
N TYR B 376 17.20 -0.36 7.65
CA TYR B 376 16.91 0.03 6.29
C TYR B 376 15.43 -0.14 5.91
N ASN B 377 14.81 -1.25 6.34
CA ASN B 377 13.43 -1.52 5.96
C ASN B 377 12.49 -0.46 6.53
N GLU B 378 12.87 0.11 7.70
CA GLU B 378 12.09 1.15 8.35
C GLU B 378 12.46 2.53 7.82
N LEU B 379 13.76 2.79 7.58
CA LEU B 379 14.24 4.09 7.14
C LEU B 379 13.62 4.45 5.78
N CYS B 380 13.52 3.45 4.92
CA CYS B 380 12.96 3.70 3.60
C CYS B 380 11.57 4.35 3.70
N GLN B 381 10.80 3.97 4.75
CA GLN B 381 9.42 4.45 4.91
C GLN B 381 9.35 5.95 5.19
N LYS B 382 10.40 6.49 5.82
CA LYS B 382 10.45 7.93 6.10
C LYS B 382 10.39 8.73 4.80
N LEU B 383 10.92 8.19 3.68
CA LEU B 383 11.05 8.90 2.42
C LEU B 383 9.69 9.13 1.77
N PHE B 384 8.66 8.43 2.25
CA PHE B 384 7.35 8.50 1.63
C PHE B 384 6.31 9.13 2.54
N GLU B 385 6.73 9.84 3.60
CA GLU B 385 5.76 10.62 4.36
CA GLU B 385 5.82 10.67 4.38
C GLU B 385 5.09 11.60 3.42
N TRP B 386 3.78 11.83 3.65
CA TRP B 386 2.96 12.62 2.73
C TRP B 386 2.59 13.97 3.37
N ASP B 387 2.77 15.05 2.61
CA ASP B 387 2.35 16.37 3.05
C ASP B 387 1.09 16.72 2.27
N GLY B 388 -0.07 16.55 2.91
CA GLY B 388 -1.37 16.74 2.27
C GLY B 388 -1.65 18.22 1.97
N ALA B 389 -1.08 19.13 2.78
CA ALA B 389 -1.32 20.56 2.61
C ALA B 389 -0.63 21.03 1.32
N LYS B 390 0.56 20.51 1.04
CA LYS B 390 1.32 20.95 -0.13
C LYS B 390 1.20 19.98 -1.31
N VAL B 391 0.51 18.84 -1.11
CA VAL B 391 0.36 17.81 -2.14
C VAL B 391 1.75 17.40 -2.64
N GLU B 392 2.63 17.01 -1.70
CA GLU B 392 3.96 16.58 -2.11
C GLU B 392 4.52 15.61 -1.05
N TYR B 393 5.57 14.89 -1.44
CA TYR B 393 6.31 14.05 -0.52
C TYR B 393 7.54 14.84 -0.04
N PRO B 394 7.54 15.38 1.18
CA PRO B 394 8.64 16.26 1.62
C PRO B 394 10.03 15.63 1.65
N ASN B 395 10.11 14.31 1.82
CA ASN B 395 11.38 13.60 1.99
C ASN B 395 11.64 12.67 0.81
N LEU B 396 11.00 12.94 -0.34
CA LEU B 396 10.98 12.01 -1.46
C LEU B 396 12.40 11.58 -1.82
N VAL B 397 13.30 12.56 -1.88
N VAL B 397 13.30 12.56 -1.75
CA VAL B 397 14.73 12.26 -1.80
CA VAL B 397 14.74 12.37 -1.86
C VAL B 397 15.31 13.03 -0.63
C VAL B 397 15.37 13.09 -0.67
N LEU B 398 16.24 12.39 0.08
CA LEU B 398 17.05 13.05 1.09
C LEU B 398 18.48 13.18 0.56
N ILE B 399 19.23 14.09 1.19
CA ILE B 399 20.59 14.34 0.76
C ILE B 399 21.55 13.86 1.86
N SER B 400 22.40 12.87 1.54
CA SER B 400 23.45 12.46 2.44
C SER B 400 24.63 13.40 2.19
N ILE B 401 25.12 14.04 3.26
CA ILE B 401 26.24 14.98 3.15
C ILE B 401 27.36 14.49 4.05
N TRP B 402 28.60 14.42 3.52
CA TRP B 402 29.72 13.99 4.33
C TRP B 402 30.97 14.83 4.02
N ASP B 403 32.03 14.61 4.80
CA ASP B 403 33.27 15.38 4.71
C ASP B 403 34.42 14.49 4.27
N GLN B 404 35.63 15.06 4.25
CA GLN B 404 36.79 14.33 3.76
C GLN B 404 37.11 13.14 4.66
N ARG B 405 36.97 13.32 5.97
CA ARG B 405 37.22 12.22 6.90
C ARG B 405 36.36 11.00 6.55
N SER B 406 35.05 11.19 6.38
CA SER B 406 34.17 10.08 6.02
C SER B 406 34.50 9.53 4.62
N GLN B 407 34.85 10.43 3.69
CA GLN B 407 35.24 10.02 2.35
C GLN B 407 36.44 9.06 2.40
N ASP B 408 37.42 9.38 3.26
CA ASP B 408 38.67 8.63 3.32
C ASP B 408 38.53 7.34 4.14
N HIS B 409 37.64 7.32 5.15
CA HIS B 409 37.71 6.24 6.12
C HIS B 409 36.41 5.44 6.23
N SER B 410 35.35 5.88 5.51
CA SER B 410 34.06 5.20 5.57
C SER B 410 33.66 4.67 4.21
N ALA B 411 34.48 4.89 3.17
CA ALA B 411 34.13 4.49 1.81
C ALA B 411 34.03 2.97 1.71
N SER B 412 33.13 2.47 0.86
CA SER B 412 32.93 1.03 0.74
C SER B 412 32.29 0.70 -0.61
N ASN B 413 32.67 -0.45 -1.19
CA ASN B 413 32.02 -0.95 -2.39
C ASN B 413 30.85 -1.85 -2.00
N ASP B 414 30.61 -2.05 -0.69
CA ASP B 414 29.65 -3.06 -0.26
C ASP B 414 28.44 -2.42 0.44
N TYR B 415 27.32 -3.17 0.46
CA TYR B 415 26.18 -2.88 1.31
C TYR B 415 25.56 -1.54 0.93
N GLY B 416 25.74 -1.14 -0.33
CA GLY B 416 24.98 -0.05 -0.92
C GLY B 416 25.45 1.33 -0.49
N SER B 417 26.67 1.38 0.07
CA SER B 417 27.24 2.65 0.50
C SER B 417 27.25 3.66 -0.65
N ALA B 418 26.84 4.90 -0.35
CA ALA B 418 26.97 6.03 -1.27
C ALA B 418 28.41 6.57 -1.28
N ILE B 419 29.17 6.32 -0.19
CA ILE B 419 30.56 6.75 -0.10
C ILE B 419 31.43 5.64 -0.71
N VAL B 420 32.10 5.96 -1.82
CA VAL B 420 32.75 4.93 -2.60
C VAL B 420 34.24 5.23 -2.71
N PRO B 421 35.11 4.19 -2.68
CA PRO B 421 36.55 4.40 -2.70
C PRO B 421 37.11 4.79 -4.08
N PRO B 422 38.38 5.24 -4.15
CA PRO B 422 38.97 5.70 -5.40
C PRO B 422 38.90 4.57 -6.43
N GLY B 423 38.54 4.92 -7.66
CA GLY B 423 38.44 3.92 -8.71
C GLY B 423 37.00 3.43 -8.92
N ALA B 424 36.16 3.54 -7.88
CA ALA B 424 34.76 3.15 -7.98
C ALA B 424 34.00 4.14 -8.86
N ASP B 425 32.86 3.70 -9.41
CA ASP B 425 31.95 4.59 -10.12
C ASP B 425 31.40 5.62 -9.14
N ASP B 426 31.62 6.90 -9.42
CA ASP B 426 31.22 7.91 -8.46
C ASP B 426 30.37 9.01 -9.13
N ARG B 427 29.71 8.67 -10.23
CA ARG B 427 28.87 9.64 -10.94
C ARG B 427 27.75 10.18 -10.03
N HIS B 428 27.34 9.41 -9.03
CA HIS B 428 26.26 9.85 -8.13
C HIS B 428 26.77 10.81 -7.04
N VAL B 429 28.09 11.02 -6.95
CA VAL B 429 28.63 11.81 -5.85
C VAL B 429 28.68 13.27 -6.29
N ILE B 430 28.14 14.16 -5.46
CA ILE B 430 28.12 15.61 -5.67
C ILE B 430 29.26 16.19 -4.81
N LYS B 431 29.98 17.20 -5.32
CA LYS B 431 31.21 17.63 -4.66
C LYS B 431 31.32 19.15 -4.74
N SER B 432 31.84 19.78 -3.67
CA SER B 432 32.08 21.21 -3.71
C SER B 432 33.02 21.63 -2.57
N ASP B 433 33.67 22.78 -2.75
CA ASP B 433 34.66 23.26 -1.79
C ASP B 433 34.03 24.14 -0.70
N THR B 434 32.77 24.54 -0.86
CA THR B 434 32.08 25.20 0.25
C THR B 434 30.69 24.59 0.37
N LEU B 435 30.03 24.83 1.51
CA LEU B 435 28.64 24.38 1.69
C LEU B 435 27.70 25.10 0.73
N ASP B 436 27.90 26.39 0.51
CA ASP B 436 27.06 27.14 -0.43
C ASP B 436 27.24 26.61 -1.85
N GLY B 437 28.46 26.24 -2.22
CA GLY B 437 28.74 25.62 -3.50
C GLY B 437 28.05 24.24 -3.62
N LEU B 438 28.04 23.48 -2.52
CA LEU B 438 27.43 22.17 -2.52
C LEU B 438 25.95 22.30 -2.84
N SER B 439 25.26 23.24 -2.19
CA SER B 439 23.83 23.42 -2.45
C SER B 439 23.56 23.77 -3.91
N GLN B 440 24.45 24.54 -4.56
CA GLN B 440 24.29 24.85 -5.98
C GLN B 440 24.44 23.58 -6.81
N GLN B 441 25.39 22.70 -6.44
CA GLN B 441 25.56 21.43 -7.14
C GLN B 441 24.36 20.49 -6.91
N ILE B 442 23.84 20.45 -5.68
CA ILE B 442 22.67 19.62 -5.38
C ILE B 442 21.47 20.09 -6.24
N SER B 443 21.23 21.41 -6.32
CA SER B 443 20.16 21.99 -7.14
C SER B 443 20.24 21.54 -8.59
N LEU B 444 21.45 21.52 -9.16
CA LEU B 444 21.63 21.04 -10.52
C LEU B 444 21.20 19.58 -10.64
N ARG B 445 21.49 18.78 -9.60
CA ARG B 445 21.14 17.37 -9.65
C ARG B 445 19.62 17.18 -9.55
N LEU B 446 18.94 17.98 -8.70
CA LEU B 446 17.49 17.96 -8.57
C LEU B 446 16.82 18.33 -9.90
N LYS B 447 17.39 19.33 -10.59
CA LYS B 447 16.86 19.76 -11.86
C LYS B 447 16.99 18.65 -12.90
N LYS B 448 18.12 17.92 -12.88
CA LYS B 448 18.31 16.84 -13.83
C LYS B 448 17.19 15.79 -13.70
N TYR B 449 16.72 15.51 -12.49
CA TYR B 449 15.75 14.43 -12.28
C TYR B 449 14.36 14.97 -11.95
N ALA B 450 14.10 16.24 -12.29
CA ALA B 450 12.90 16.96 -11.89
C ALA B 450 11.62 16.16 -12.17
N GLY B 451 11.53 15.58 -13.39
CA GLY B 451 10.34 14.83 -13.80
C GLY B 451 10.05 13.55 -13.00
N GLN B 452 10.99 13.13 -12.12
CA GLN B 452 10.82 11.94 -11.30
C GLN B 452 10.46 12.28 -9.85
N ILE B 453 10.71 13.54 -9.45
CA ILE B 453 10.67 13.93 -8.04
C ILE B 453 9.82 15.17 -7.81
N GLY B 454 8.80 15.36 -8.66
CA GLY B 454 7.85 16.44 -8.45
C GLY B 454 8.47 17.82 -8.61
N HIS B 455 9.53 17.92 -9.39
CA HIS B 455 10.23 19.19 -9.60
C HIS B 455 10.61 19.79 -8.24
N MET B 456 11.06 18.94 -7.31
N MET B 456 11.09 18.95 -7.33
CA MET B 456 11.56 19.36 -6.02
CA MET B 456 11.47 19.43 -6.01
C MET B 456 12.65 20.43 -6.17
C MET B 456 12.64 20.39 -6.13
N GLU B 457 12.63 21.43 -5.28
CA GLU B 457 13.69 22.44 -5.22
C GLU B 457 14.14 22.62 -3.77
N LEU B 458 15.41 23.00 -3.58
CA LEU B 458 15.87 23.35 -2.24
C LEU B 458 15.15 24.61 -1.78
N SER B 459 14.90 24.73 -0.47
CA SER B 459 14.24 25.92 0.03
C SER B 459 15.18 27.13 -0.06
N SER B 460 14.58 28.34 -0.10
CA SER B 460 15.39 29.56 -0.20
C SER B 460 16.30 29.74 1.03
N ASP B 461 15.95 29.14 2.19
N ASP B 461 15.93 29.11 2.16
CA ASP B 461 16.78 29.25 3.38
CA ASP B 461 16.69 29.20 3.41
C ASP B 461 17.67 28.01 3.59
C ASP B 461 17.57 27.97 3.61
N PHE B 462 17.81 27.18 2.55
CA PHE B 462 18.61 25.96 2.67
C PHE B 462 19.99 26.20 3.31
N ASN B 463 20.76 27.19 2.81
CA ASN B 463 22.16 27.36 3.26
C ASN B 463 22.23 27.63 4.75
N ALA B 464 21.40 28.56 5.24
CA ALA B 464 21.38 28.90 6.67
C ALA B 464 20.91 27.71 7.49
N ASN B 465 19.91 27.00 6.97
CA ASN B 465 19.38 25.87 7.71
C ASN B 465 20.44 24.77 7.82
N LEU B 466 21.20 24.55 6.73
CA LEU B 466 22.22 23.51 6.73
C LEU B 466 23.29 23.82 7.77
N ARG B 467 23.70 25.10 7.85
CA ARG B 467 24.72 25.48 8.83
C ARG B 467 24.22 25.19 10.24
N GLU B 468 22.96 25.52 10.51
CA GLU B 468 22.34 25.29 11.81
C GLU B 468 22.25 23.79 12.09
N SER B 469 21.94 22.99 11.08
CA SER B 469 21.82 21.54 11.21
C SER B 469 23.18 20.93 11.54
N ILE B 470 24.24 21.38 10.85
CA ILE B 470 25.58 20.87 11.12
C ILE B 470 26.02 21.27 12.53
N LEU B 471 25.75 22.52 12.93
CA LEU B 471 26.17 22.96 14.26
C LEU B 471 25.50 22.10 15.32
N ARG B 472 24.19 21.85 15.17
CA ARG B 472 23.43 21.08 16.12
C ARG B 472 23.96 19.63 16.16
N PHE B 473 24.18 19.03 14.98
CA PHE B 473 24.67 17.66 14.90
C PHE B 473 26.06 17.57 15.55
N ASN B 474 26.93 18.56 15.29
CA ASN B 474 28.29 18.59 15.81
C ASN B 474 28.27 18.53 17.34
N GLY B 475 27.31 19.23 17.96
CA GLY B 475 27.14 19.18 19.40
C GLY B 475 26.72 17.80 19.88
N PHE B 476 25.78 17.17 19.16
CA PHE B 476 25.37 15.80 19.44
C PHE B 476 26.55 14.85 19.29
N ALA B 477 27.37 15.04 18.25
CA ALA B 477 28.52 14.17 18.03
C ALA B 477 29.54 14.31 19.18
N SER B 478 29.63 15.49 19.79
CA SER B 478 30.61 15.69 20.85
C SER B 478 30.14 15.08 22.16
N THR B 479 28.83 15.16 22.44
CA THR B 479 28.31 14.58 23.68
C THR B 479 28.07 13.08 23.48
N GLY B 480 27.91 12.64 22.23
CA GLY B 480 27.54 11.27 21.93
C GLY B 480 26.03 11.03 22.00
N LYS B 481 25.24 12.09 22.21
N LYS B 481 25.24 12.09 22.17
CA LYS B 481 23.80 11.93 22.39
CA LYS B 481 23.81 11.94 22.38
C LYS B 481 23.04 12.77 21.36
C LYS B 481 23.00 12.77 21.38
N ASP B 482 22.40 12.09 20.39
CA ASP B 482 21.57 12.71 19.37
C ASP B 482 20.19 12.93 19.98
N GLU B 483 19.95 14.14 20.49
CA GLU B 483 18.71 14.44 21.21
C GLU B 483 17.49 14.48 20.28
N ASP B 484 17.73 14.65 18.98
CA ASP B 484 16.67 14.77 17.99
C ASP B 484 16.23 13.37 17.53
N PHE B 485 17.15 12.51 17.09
CA PHE B 485 16.74 11.27 16.44
C PHE B 485 17.41 10.02 17.05
N HIS B 486 18.20 10.15 18.11
CA HIS B 486 18.70 9.01 18.88
C HIS B 486 19.61 8.08 18.07
N ARG B 487 20.34 8.65 17.11
CA ARG B 487 21.29 7.90 16.31
C ARG B 487 22.31 7.22 17.22
N GLY B 488 22.47 5.90 17.03
CA GLY B 488 23.42 5.09 17.81
C GLY B 488 22.86 4.48 19.09
N GLU B 489 21.60 4.77 19.44
CA GLU B 489 21.12 4.26 20.71
C GLU B 489 20.61 2.81 20.62
N ARG B 490 20.30 2.33 19.43
CA ARG B 490 19.84 0.95 19.33
C ARG B 490 20.97 0.11 18.77
N ALA B 491 21.02 -1.17 19.16
CA ALA B 491 22.15 -2.03 18.78
C ALA B 491 22.29 -2.08 17.26
N SER B 492 21.15 -2.15 16.55
CA SER B 492 21.16 -2.28 15.10
C SER B 492 21.78 -1.05 14.42
N ASP B 493 21.71 0.14 15.04
CA ASP B 493 22.38 1.31 14.48
C ASP B 493 23.89 1.09 14.42
N VAL B 494 24.44 0.47 15.47
CA VAL B 494 25.88 0.22 15.58
C VAL B 494 26.27 -0.91 14.63
N LEU B 495 25.43 -1.94 14.55
CA LEU B 495 25.72 -3.13 13.76
C LEU B 495 25.95 -2.80 12.29
N PHE B 496 25.16 -1.88 11.71
CA PHE B 496 25.34 -1.56 10.29
C PHE B 496 25.96 -0.17 10.10
N ASN B 497 26.72 0.29 11.09
CA ASN B 497 27.33 1.60 11.07
C ASN B 497 28.36 1.75 9.94
N GLY B 498 29.03 0.64 9.60
CA GLY B 498 30.05 0.65 8.56
C GLY B 498 31.41 1.04 9.15
N SER B 499 32.42 1.19 8.27
CA SER B 499 33.77 1.58 8.68
C SER B 499 33.84 3.05 9.08
N THR B 500 34.68 3.36 10.08
CA THR B 500 34.92 4.74 10.50
C THR B 500 36.39 4.88 10.91
N LYS B 501 36.91 6.10 10.81
CA LYS B 501 38.22 6.41 11.39
C LYS B 501 38.12 6.40 12.91
N LYS B 502 38.98 5.59 13.51
CA LYS B 502 39.04 5.42 14.96
C LYS B 502 39.50 6.72 15.61
N GLU B 503 38.67 7.23 16.53
CA GLU B 503 38.98 8.46 17.24
C GLU B 503 39.05 8.11 18.72
N PRO B 504 40.16 8.47 19.40
CA PRO B 504 40.36 8.04 20.80
C PRO B 504 39.16 8.32 21.71
N ASP B 505 38.60 9.53 21.65
CA ASP B 505 37.59 9.94 22.62
C ASP B 505 36.20 10.09 21.98
N GLN B 506 35.90 9.28 20.96
CA GLN B 506 34.58 9.25 20.32
C GLN B 506 33.56 8.65 21.28
N LYS B 507 32.49 9.41 21.61
CA LYS B 507 31.56 8.96 22.63
C LYS B 507 30.48 8.03 22.07
N ASN B 508 30.17 8.16 20.78
CA ASN B 508 29.17 7.34 20.11
C ASN B 508 29.77 6.96 18.75
N PRO B 509 29.94 5.66 18.42
CA PRO B 509 30.61 5.28 17.18
C PRO B 509 29.91 5.73 15.90
N THR B 510 28.63 6.13 16.00
CA THR B 510 27.86 6.47 14.81
C THR B 510 27.92 7.97 14.47
N MET B 511 28.62 8.77 15.28
CA MET B 511 28.65 10.21 15.00
C MET B 511 30.03 10.79 15.31
N TRP B 512 30.48 11.70 14.45
CA TRP B 512 31.68 12.48 14.67
C TRP B 512 31.45 13.86 14.07
N PRO B 513 31.94 14.97 14.66
CA PRO B 513 31.60 16.30 14.12
C PRO B 513 32.07 16.43 12.67
N ILE B 514 31.23 17.03 11.82
CA ILE B 514 31.56 17.34 10.43
C ILE B 514 32.56 18.49 10.40
N SER B 515 33.60 18.29 9.58
CA SER B 515 34.72 19.20 9.43
C SER B 515 34.22 20.59 9.04
N SER B 516 34.90 21.63 9.56
CA SER B 516 34.59 23.01 9.19
C SER B 516 35.30 23.40 7.88
N VAL B 517 36.08 22.47 7.31
CA VAL B 517 36.54 22.73 5.94
C VAL B 517 36.16 21.60 4.97
N GLY B 518 35.98 22.00 3.71
CA GLY B 518 35.72 21.07 2.64
C GLY B 518 36.98 20.31 2.23
N PRO B 519 36.92 19.55 1.12
CA PRO B 519 35.71 19.44 0.31
C PRO B 519 34.57 18.74 1.04
N TYR B 520 33.36 19.05 0.58
CA TYR B 520 32.13 18.39 1.01
C TYR B 520 31.56 17.56 -0.12
N TYR B 521 30.86 16.50 0.27
CA TYR B 521 30.36 15.49 -0.64
C TYR B 521 28.88 15.24 -0.32
N ALA B 522 28.12 14.84 -1.34
CA ALA B 522 26.70 14.58 -1.13
C ALA B 522 26.21 13.53 -2.13
N ALA B 523 25.12 12.85 -1.78
CA ALA B 523 24.45 11.98 -2.75
C ALA B 523 22.96 11.94 -2.42
N LEU B 524 22.16 11.85 -3.48
CA LEU B 524 20.72 11.72 -3.34
C LEU B 524 20.37 10.28 -2.94
N VAL B 525 19.49 10.18 -1.95
CA VAL B 525 19.00 8.92 -1.40
C VAL B 525 17.50 8.86 -1.62
N GLY B 526 17.04 7.78 -2.27
CA GLY B 526 15.63 7.58 -2.56
C GLY B 526 15.20 6.23 -2.00
N GLY B 527 13.91 5.92 -2.15
CA GLY B 527 13.33 4.70 -1.61
C GLY B 527 13.27 3.60 -2.66
N GLY B 528 13.72 2.40 -2.28
CA GLY B 528 13.74 1.27 -3.19
C GLY B 528 13.41 -0.02 -2.45
N THR B 529 13.60 -1.17 -3.12
CA THR B 529 13.34 -2.47 -2.52
C THR B 529 14.60 -3.31 -2.60
N LEU B 530 14.60 -4.42 -1.86
CA LEU B 530 15.45 -5.56 -2.17
C LEU B 530 14.68 -6.35 -3.23
N ASP B 531 13.46 -6.80 -2.90
CA ASP B 531 12.49 -7.17 -3.93
C ASP B 531 11.13 -7.17 -3.26
N THR B 532 10.07 -7.47 -4.01
CA THR B 532 8.72 -7.56 -3.48
C THR B 532 8.53 -8.90 -2.75
N LYS B 533 7.46 -9.03 -1.97
CA LYS B 533 7.20 -10.28 -1.27
C LYS B 533 5.70 -10.61 -1.27
N GLY B 534 5.04 -10.25 -2.38
CA GLY B 534 3.64 -10.57 -2.59
C GLY B 534 3.48 -11.46 -3.83
N GLY B 535 2.48 -12.33 -3.76
CA GLY B 535 2.17 -13.20 -4.88
C GLY B 535 1.08 -14.19 -4.48
N PRO B 536 0.91 -15.25 -5.29
CA PRO B 536 -0.07 -16.30 -4.99
C PRO B 536 0.19 -16.81 -3.57
N LYS B 537 -0.89 -16.96 -2.79
CA LYS B 537 -0.84 -17.54 -1.47
C LYS B 537 -0.57 -19.05 -1.58
N THR B 538 0.34 -19.56 -0.74
CA THR B 538 0.53 -20.99 -0.59
C THR B 538 0.12 -21.43 0.81
N ASN B 539 -0.06 -22.75 1.01
CA ASN B 539 -0.10 -23.32 2.35
C ASN B 539 1.34 -23.48 2.86
N THR B 540 1.52 -24.14 4.03
CA THR B 540 2.87 -24.25 4.60
C THR B 540 3.71 -25.28 3.86
N HIS B 541 3.11 -25.96 2.87
CA HIS B 541 3.82 -26.94 2.07
C HIS B 541 4.18 -26.38 0.70
N GLY B 542 4.04 -25.06 0.52
CA GLY B 542 4.43 -24.41 -0.73
C GLY B 542 3.42 -24.63 -1.86
N GLN B 543 2.25 -25.22 -1.56
CA GLN B 543 1.27 -25.48 -2.60
C GLN B 543 0.47 -24.20 -2.87
N ILE B 544 0.41 -23.80 -4.15
CA ILE B 544 -0.36 -22.63 -4.55
C ILE B 544 -1.86 -22.96 -4.47
N LEU B 545 -2.61 -22.13 -3.75
CA LEU B 545 -4.02 -22.33 -3.46
C LEU B 545 -4.94 -21.65 -4.47
N ASP B 546 -6.13 -22.24 -4.65
CA ASP B 546 -7.23 -21.63 -5.38
C ASP B 546 -8.01 -20.73 -4.43
N ILE B 547 -9.09 -20.10 -4.91
CA ILE B 547 -9.77 -19.13 -4.06
C ILE B 547 -10.52 -19.81 -2.92
N HIS B 548 -10.63 -21.15 -2.95
CA HIS B 548 -11.32 -21.82 -1.85
C HIS B 548 -10.31 -22.39 -0.87
N ASP B 549 -9.04 -21.98 -1.02
N ASP B 549 -9.05 -22.00 -1.00
CA ASP B 549 -7.96 -22.38 -0.12
CA ASP B 549 -8.00 -22.41 -0.07
C ASP B 549 -7.54 -23.83 -0.34
C ASP B 549 -7.59 -23.86 -0.30
N LYS B 550 -7.88 -24.40 -1.49
CA LYS B 550 -7.49 -25.76 -1.83
C LYS B 550 -6.33 -25.71 -2.82
N PRO B 551 -5.35 -26.62 -2.71
CA PRO B 551 -4.22 -26.63 -3.65
C PRO B 551 -4.67 -26.77 -5.11
N ILE B 552 -4.00 -26.04 -5.99
CA ILE B 552 -4.01 -26.34 -7.42
C ILE B 552 -2.99 -27.46 -7.62
N ARG B 553 -3.49 -28.64 -7.98
CA ARG B 553 -2.70 -29.86 -7.88
C ARG B 553 -1.50 -29.75 -8.80
N GLY B 554 -0.33 -30.10 -8.27
CA GLY B 554 0.93 -30.07 -9.00
C GLY B 554 1.64 -28.71 -9.00
N LEU B 555 1.04 -27.66 -8.40
CA LEU B 555 1.61 -26.33 -8.55
C LEU B 555 2.11 -25.78 -7.20
N TYR B 556 3.38 -25.37 -7.18
CA TYR B 556 4.10 -24.99 -5.98
C TYR B 556 4.79 -23.65 -6.22
N GLY B 557 5.07 -22.94 -5.12
CA GLY B 557 5.81 -21.69 -5.18
C GLY B 557 6.58 -21.45 -3.89
N VAL B 558 7.81 -20.93 -4.04
CA VAL B 558 8.72 -20.75 -2.92
C VAL B 558 9.43 -19.42 -3.12
N GLY B 559 9.71 -18.68 -2.03
CA GLY B 559 10.53 -17.47 -2.13
C GLY B 559 9.71 -16.23 -2.49
N ASN B 560 10.35 -15.23 -3.11
CA ASN B 560 9.71 -13.93 -3.30
C ASN B 560 8.53 -13.96 -4.25
N CYS B 561 8.39 -15.01 -5.08
CA CYS B 561 7.30 -15.10 -6.05
C CYS B 561 5.97 -15.42 -5.39
N VAL B 562 5.97 -15.86 -4.13
CA VAL B 562 4.71 -16.14 -3.45
C VAL B 562 4.58 -15.23 -2.21
N ALA B 563 3.41 -15.22 -1.59
CA ALA B 563 3.17 -14.31 -0.47
C ALA B 563 4.02 -14.69 0.73
N SER B 564 4.74 -13.71 1.29
CA SER B 564 5.45 -13.90 2.55
C SER B 564 4.48 -13.73 3.71
N ALA B 565 4.72 -14.44 4.82
CA ALA B 565 3.90 -14.24 6.02
C ALA B 565 4.43 -13.10 6.89
N SER B 566 5.47 -12.40 6.45
CA SER B 566 6.08 -11.35 7.27
C SER B 566 5.46 -9.96 7.02
N SER B 567 4.37 -9.90 6.23
N SER B 567 4.37 -9.89 6.24
CA SER B 567 3.67 -8.64 5.97
CA SER B 567 3.67 -8.63 5.99
C SER B 567 4.67 -7.58 5.52
C SER B 567 4.66 -7.57 5.51
N GLY B 568 4.70 -6.42 6.22
CA GLY B 568 5.63 -5.35 5.90
C GLY B 568 6.88 -5.34 6.78
N ALA B 569 7.11 -6.43 7.52
CA ALA B 569 8.15 -6.45 8.56
C ALA B 569 9.42 -7.14 8.07
N TYR B 570 10.54 -6.75 8.69
CA TYR B 570 11.84 -7.31 8.37
C TYR B 570 12.53 -7.66 9.69
N TRP B 571 12.45 -8.95 10.07
CA TRP B 571 12.72 -9.38 11.44
C TRP B 571 14.19 -9.26 11.84
N ALA B 572 15.10 -9.54 10.89
CA ALA B 572 16.52 -9.70 11.17
C ALA B 572 17.26 -9.86 9.85
N GLY B 573 18.60 -9.69 9.86
CA GLY B 573 19.39 -10.05 8.70
C GLY B 573 19.22 -11.53 8.38
N GLY B 574 18.90 -11.85 7.12
CA GLY B 574 18.71 -13.23 6.74
C GLY B 574 17.26 -13.70 6.83
N ALA B 575 16.35 -12.76 7.17
CA ALA B 575 14.94 -13.11 7.33
C ALA B 575 14.20 -13.27 5.99
N THR B 576 14.86 -13.01 4.85
CA THR B 576 14.27 -13.47 3.59
C THR B 576 14.74 -14.89 3.25
N LEU B 577 16.05 -15.15 3.33
CA LEU B 577 16.61 -16.42 2.84
C LEU B 577 16.35 -17.58 3.80
N GLY B 578 16.41 -17.34 5.12
CA GLY B 578 16.18 -18.39 6.10
C GLY B 578 14.80 -19.03 5.93
N PRO B 579 13.72 -18.25 5.99
CA PRO B 579 12.38 -18.80 5.74
C PRO B 579 12.23 -19.49 4.39
N MET B 580 12.89 -18.91 3.37
CA MET B 580 12.76 -19.40 2.00
C MET B 580 13.32 -20.84 1.90
N ILE B 581 14.43 -21.09 2.59
CA ILE B 581 15.03 -22.41 2.59
C ILE B 581 14.12 -23.41 3.32
N ALA B 582 13.46 -22.96 4.40
CA ALA B 582 12.50 -23.80 5.09
C ALA B 582 11.38 -24.23 4.15
N PHE B 583 10.85 -23.28 3.36
CA PHE B 583 9.73 -23.57 2.48
C PHE B 583 10.16 -24.41 1.28
N ALA B 584 11.40 -24.24 0.81
CA ALA B 584 11.89 -25.06 -0.29
C ALA B 584 11.92 -26.53 0.14
N TYR B 585 12.32 -26.76 1.38
CA TYR B 585 12.39 -28.09 1.97
C TYR B 585 10.98 -28.66 2.08
N ARG B 586 10.05 -27.89 2.63
CA ARG B 586 8.68 -28.37 2.81
C ARG B 586 8.01 -28.60 1.45
N ALA B 587 8.28 -27.69 0.49
CA ALA B 587 7.69 -27.80 -0.84
C ALA B 587 8.20 -29.08 -1.51
N ALA B 588 9.51 -29.28 -1.49
CA ALA B 588 10.11 -30.44 -2.12
C ALA B 588 9.58 -31.72 -1.49
N ASN B 589 9.49 -31.74 -0.15
CA ASN B 589 8.96 -32.92 0.52
C ASN B 589 7.53 -33.23 0.07
N ALA B 590 6.67 -32.22 -0.04
CA ALA B 590 5.30 -32.46 -0.47
C ALA B 590 5.24 -32.83 -1.96
N ALA B 591 6.00 -32.11 -2.79
CA ALA B 591 6.00 -32.39 -4.23
C ALA B 591 6.44 -33.82 -4.51
N HIS B 592 7.40 -34.33 -3.74
CA HIS B 592 7.86 -35.70 -3.90
C HIS B 592 6.71 -36.70 -3.76
N GLY B 593 5.72 -36.36 -2.94
CA GLY B 593 4.57 -37.22 -2.70
C GLY B 593 3.49 -37.13 -3.79
N GLU B 594 3.65 -36.25 -4.79
CA GLU B 594 2.62 -36.15 -5.81
C GLU B 594 2.59 -37.44 -6.64
N PRO B 595 1.41 -37.89 -7.12
CA PRO B 595 1.34 -38.98 -8.10
C PRO B 595 1.94 -38.51 -9.42
N LYS B 596 2.53 -39.42 -10.20
CA LYS B 596 2.91 -39.07 -11.56
C LYS B 596 1.65 -38.91 -12.40
N ARG B 597 1.58 -37.83 -13.19
CA ARG B 597 0.32 -37.59 -13.89
C ARG B 597 0.55 -37.33 -15.36
N THR B 598 -0.57 -37.36 -16.12
CA THR B 598 -0.73 -37.11 -17.55
C THR B 598 0.50 -37.60 -18.31
PA FAD C . -22.16 1.07 -3.77
O1A FAD C . -21.44 0.60 -2.56
O2A FAD C . -23.03 2.30 -3.69
O5B FAD C . -23.05 -0.11 -4.35
C5B FAD C . -22.48 -1.42 -4.60
C4B FAD C . -23.62 -2.41 -4.40
O4B FAD C . -23.26 -3.71 -4.93
C3B FAD C . -24.02 -2.64 -2.92
O3B FAD C . -25.42 -2.44 -2.79
C2B FAD C . -23.64 -4.10 -2.66
O2B FAD C . -24.53 -4.72 -1.75
C1B FAD C . -23.77 -4.70 -4.06
N9A FAD C . -22.98 -5.91 -4.22
C8A FAD C . -21.75 -6.21 -3.70
N7A FAD C . -21.36 -7.43 -3.99
C5A FAD C . -22.37 -7.94 -4.80
C6A FAD C . -22.56 -9.18 -5.44
N6A FAD C . -21.72 -10.20 -5.37
N1A FAD C . -23.71 -9.36 -6.14
C2A FAD C . -24.61 -8.37 -6.17
N3A FAD C . -24.54 -7.16 -5.60
C4A FAD C . -23.38 -7.02 -4.93
N1 FAD C . -18.66 10.18 -2.75
C2 FAD C . -18.93 11.23 -3.47
O2 FAD C . -18.44 11.36 -4.60
N3 FAD C . -19.71 12.25 -2.96
C4 FAD C . -20.15 12.25 -1.65
O4 FAD C . -20.94 13.08 -1.29
C4X FAD C . -19.90 11.13 -0.87
N5 FAD C . -20.35 11.09 0.37
C5X FAD C . -20.12 9.92 1.05
C6 FAD C . -20.63 9.80 2.36
C7 FAD C . -20.51 8.64 3.06
C7M FAD C . -21.09 8.57 4.45
C8 FAD C . -19.81 7.54 2.50
C8M FAD C . -19.65 6.27 3.27
C9 FAD C . -19.24 7.65 1.25
C9A FAD C . -19.42 8.83 0.48
N10 FAD C . -18.88 9.00 -0.78
C10 FAD C . -19.14 10.11 -1.53
C1' FAD C . -18.29 7.84 -1.47
C2' FAD C . -19.42 7.23 -2.35
O2' FAD C . -20.58 7.01 -1.51
C3' FAD C . -19.11 5.90 -3.04
O3' FAD C . -17.85 6.02 -3.68
C4' FAD C . -20.15 5.48 -4.09
O4' FAD C . -21.47 5.56 -3.53
C5' FAD C . -19.89 4.07 -4.54
O5' FAD C . -20.91 3.73 -5.53
P FAD C . -20.88 2.26 -6.16
O1P FAD C . -19.55 1.89 -6.72
O2P FAD C . -22.12 2.15 -6.97
O3P FAD C . -21.05 1.30 -4.88
C1 GOL D . 0.46 15.65 36.12
O1 GOL D . 1.27 16.81 36.27
C2 GOL D . -0.67 15.60 37.12
O2 GOL D . -1.74 16.45 36.74
C3 GOL D . -1.16 14.17 37.32
O3 GOL D . -0.14 13.24 36.99
S SO4 E . -36.42 -10.37 -22.32
O1 SO4 E . -36.17 -10.38 -20.87
O2 SO4 E . -36.51 -11.74 -22.79
O3 SO4 E . -37.66 -9.66 -22.58
O4 SO4 E . -35.33 -9.69 -23.01
S SO4 F . -23.87 30.08 25.49
O1 SO4 F . -24.41 29.47 26.68
O2 SO4 F . -22.69 29.37 25.08
O3 SO4 F . -24.85 30.04 24.44
O4 SO4 F . -23.53 31.45 25.79
PA FAD G . 15.93 -14.56 -6.96
O1A FAD G . 15.59 -13.19 -7.45
O2A FAD G . 17.23 -14.85 -6.32
O5B FAD G . 15.80 -15.59 -8.18
C5B FAD G . 14.61 -15.62 -9.03
C4B FAD G . 15.06 -16.07 -10.40
O4B FAD G . 13.90 -16.34 -11.22
C3B FAD G . 15.95 -15.10 -11.20
O3B FAD G . 17.21 -15.66 -11.57
C2B FAD G . 15.05 -14.70 -12.38
O2B FAD G . 15.74 -14.32 -13.57
C1B FAD G . 14.19 -15.96 -12.54
N9A FAD G . 12.94 -15.77 -13.29
C8A FAD G . 12.08 -14.69 -13.26
N7A FAD G . 11.06 -14.85 -14.05
C5A FAD G . 11.27 -16.06 -14.68
C6A FAD G . 10.56 -16.79 -15.66
N6A FAD G . 9.43 -16.35 -16.25
N1A FAD G . 11.04 -18.00 -16.02
C2A FAD G . 12.20 -18.41 -15.49
N3A FAD G . 12.96 -17.82 -14.58
C4A FAD G . 12.42 -16.64 -14.20
N1 FAD G . 18.16 -11.46 2.05
C2 FAD G . 18.61 -12.14 3.11
O2 FAD G . 17.85 -12.86 3.78
N3 FAD G . 19.94 -12.09 3.48
C4 FAD G . 20.83 -11.20 2.91
O4 FAD G . 21.99 -11.20 3.29
C4X FAD G . 20.36 -10.43 1.78
N5 FAD G . 21.18 -9.60 1.15
C5X FAD G . 20.70 -8.96 0.03
C6 FAD G . 21.58 -8.10 -0.68
C7 FAD G . 21.19 -7.48 -1.85
C7M FAD G . 22.16 -6.58 -2.59
C8 FAD G . 19.85 -7.67 -2.33
C8M FAD G . 19.33 -6.99 -3.57
C9 FAD G . 18.97 -8.47 -1.61
C9A FAD G . 19.40 -9.14 -0.44
N10 FAD G . 18.54 -9.96 0.29
C10 FAD G . 18.99 -10.66 1.40
C1' FAD G . 17.21 -10.31 -0.25
C2' FAD G . 17.39 -11.64 -0.99
O2' FAD G . 18.52 -11.55 -1.88
C3' FAD G . 16.18 -12.13 -1.78
O3' FAD G . 15.05 -12.05 -0.94
C4' FAD G . 16.27 -13.59 -2.25
O4' FAD G . 17.54 -13.81 -2.87
C5' FAD G . 15.20 -13.89 -3.26
O5' FAD G . 15.46 -15.23 -3.70
P FAD G . 14.48 -15.90 -4.75
O1P FAD G . 13.04 -15.77 -4.37
O2P FAD G . 15.08 -17.22 -5.10
O3P FAD G . 14.69 -14.94 -6.03
S SO4 H . 13.53 -38.36 -17.10
O1 SO4 H . 12.86 -38.96 -18.22
O2 SO4 H . 14.81 -39.00 -16.87
O3 SO4 H . 12.69 -38.51 -15.94
O4 SO4 H . 13.76 -36.94 -17.38
#